data_8OV5
#
_entry.id   8OV5
#
_cell.length_a   197.140
_cell.length_b   115.610
_cell.length_c   65.880
_cell.angle_alpha   90.000
_cell.angle_beta   94.970
_cell.angle_gamma   90.000
#
_symmetry.space_group_name_H-M   'C 1 2 1'
#
loop_
_entity.id
_entity.type
_entity.pdbx_description
1 polymer 'Peridinin-chlorophyll a-binding protein 1, chloroplastic'
2 non-polymer 'CHLOROPHYLL A'
3 non-polymer PERIDININ
4 non-polymer '[(2~{S})-3-[(2~{R},3~{R},4~{S},5~{R},6~{R})-6-[[(2~{S},3~{R},4~{S},5~{R},6~{R})-6-(hydroxymethyl)-3,4,5-tris(oxidanyl)oxan-2-yl]oxymethyl]-3,4,5-tris(oxidanyl)oxan-2-yl]oxy-2-[(6~{Z},9~{Z},12~{Z},15~{Z})-octadeca-6,9,12,15-tetraenoyl]oxy-propyl] (5~{Z},8~{Z},11~{Z},14~{Z},17~{Z})-icosa-5,8,11,14,17-pentaenoate'
5 non-polymer 'TETRAETHYLENE GLYCOL'
6 water water
#
_entity_poly.entity_id   1
_entity_poly.type   'polypeptide(L)'
_entity_poly.pdbx_seq_one_letter_code
;DEIGDAAKKLGDASYAFAKEVDWNNGIFLQAPGKLQPLEALKAIDKMIVMGAAADPKLLKAAAEAHHKAIGSVSGPNGVT
SRADWDNVNAALGRVIASVPENMVMDVYDSVSKITDPKVPAYMKSLVNGADAEKAYEGFLAFKDVVKKSQVTSAAGPATV
PSGDKIGVAAQQLSEASYPFLKEIDWLSDVYMKPLPGVSAQQSLKAIDKMIVMGAQADGNALKAAAEAHHKAIGSIDATG
VTSAADYAAVNAALGRVIASVPKSTVMDVYNAMAGVTDTSIPLNMFSKVNPLDANAAAKAFYTFKDVVQAAQ
;
_entity_poly.pdbx_strand_id   M,N,O
#
# COMPACT_ATOMS: atom_id res chain seq x y z
N ASP A 1 50.39 9.39 5.00
CA ASP A 1 50.67 10.78 4.56
C ASP A 1 50.19 11.73 5.66
N GLU A 2 50.29 13.04 5.44
CA GLU A 2 49.96 13.97 6.53
C GLU A 2 48.49 13.89 6.91
N ILE A 3 47.61 13.80 5.92
CA ILE A 3 46.18 13.74 6.23
C ILE A 3 45.83 12.43 6.93
N GLY A 4 46.45 11.33 6.52
CA GLY A 4 46.21 10.06 7.19
C GLY A 4 46.66 10.07 8.63
N ASP A 5 47.86 10.61 8.89
CA ASP A 5 48.33 10.73 10.25
C ASP A 5 47.37 11.58 11.07
N ALA A 6 46.90 12.70 10.48
CA ALA A 6 45.95 13.55 11.17
C ALA A 6 44.60 12.87 11.41
N ALA A 7 44.18 12.02 10.48
CA ALA A 7 42.93 11.28 10.68
C ALA A 7 43.04 10.32 11.85
N LYS A 8 44.24 9.79 12.12
CA LYS A 8 44.37 8.93 13.28
C LYS A 8 44.18 9.73 14.57
N LYS A 9 44.74 10.94 14.64
CA LYS A 9 44.50 11.79 15.79
C LYS A 9 43.03 12.16 15.89
N LEU A 10 42.40 12.44 14.75
CA LEU A 10 40.99 12.77 14.78
C LEU A 10 40.17 11.61 15.32
N GLY A 11 40.55 10.37 14.96
CA GLY A 11 39.84 9.21 15.47
C GLY A 11 39.99 9.07 16.99
N ASP A 12 41.18 9.36 17.50
CA ASP A 12 41.38 9.33 18.94
C ASP A 12 40.40 10.29 19.62
N ALA A 13 40.15 11.44 18.98
CA ALA A 13 39.29 12.44 19.55
C ALA A 13 37.81 12.16 19.34
N SER A 14 37.44 11.42 18.28
CA SER A 14 36.06 11.41 17.80
C SER A 14 35.39 10.06 17.79
N TYR A 15 36.12 8.96 17.96
CA TYR A 15 35.47 7.66 17.82
C TYR A 15 34.52 7.38 18.98
N ALA A 16 34.80 7.90 20.18
CA ALA A 16 33.84 7.71 21.27
C ALA A 16 32.48 8.29 20.90
N PHE A 17 32.48 9.49 20.33
CA PHE A 17 31.26 10.11 19.82
C PHE A 17 30.63 9.24 18.75
N ALA A 18 31.42 8.76 17.79
CA ALA A 18 30.87 7.95 16.71
C ALA A 18 30.14 6.73 17.25
N LYS A 19 30.70 6.08 18.28
CA LYS A 19 30.07 4.91 18.85
C LYS A 19 28.75 5.24 19.51
N GLU A 20 28.57 6.46 19.98
N GLU A 20 28.59 6.48 19.96
CA GLU A 20 27.31 6.77 20.66
CA GLU A 20 27.40 6.94 20.68
C GLU A 20 26.22 7.29 19.73
C GLU A 20 26.26 7.37 19.78
N VAL A 21 26.57 7.83 18.57
CA VAL A 21 25.56 8.26 17.61
C VAL A 21 24.74 7.05 17.21
N ASP A 22 23.42 7.21 17.14
CA ASP A 22 22.52 6.17 16.67
C ASP A 22 22.37 6.37 15.16
N TRP A 23 23.26 5.70 14.41
CA TRP A 23 23.29 5.87 12.96
C TRP A 23 22.08 5.26 12.27
N ASN A 24 21.32 4.42 12.97
CA ASN A 24 20.14 3.77 12.41
C ASN A 24 18.89 4.60 12.61
N ASN A 25 19.00 5.81 13.17
CA ASN A 25 17.84 6.68 13.35
C ASN A 25 17.30 7.10 11.98
N GLY A 26 16.00 6.96 11.77
CA GLY A 26 15.38 7.40 10.55
C GLY A 26 15.37 8.90 10.35
N ILE A 27 15.70 9.68 11.38
CA ILE A 27 15.64 11.13 11.25
C ILE A 27 16.55 11.61 10.13
N PHE A 28 17.65 10.91 9.86
CA PHE A 28 18.63 11.38 8.88
C PHE A 28 18.12 11.29 7.44
N LEU A 29 16.99 10.63 7.20
CA LEU A 29 16.33 10.65 5.90
C LEU A 29 15.67 12.00 5.66
N GLN A 30 15.31 12.67 6.73
CA GLN A 30 14.56 13.91 6.67
C GLN A 30 15.46 15.13 6.52
N ALA A 31 14.87 16.21 6.06
CA ALA A 31 15.57 17.47 6.02
C ALA A 31 15.92 17.92 7.44
N PRO A 32 16.95 18.73 7.58
CA PRO A 32 17.39 19.17 8.92
C PRO A 32 16.59 20.38 9.40
N GLY A 33 15.30 20.19 9.54
CA GLY A 33 14.34 21.22 9.79
C GLY A 33 13.26 21.15 8.72
N LYS A 34 12.47 22.20 8.61
CA LYS A 34 11.42 22.22 7.61
C LYS A 34 12.02 22.04 6.21
N LEU A 35 11.35 21.21 5.41
CA LEU A 35 11.82 20.96 4.04
C LEU A 35 11.59 22.20 3.18
N GLN A 36 12.65 22.64 2.50
CA GLN A 36 12.63 23.82 1.63
C GLN A 36 13.29 23.38 0.33
N PRO A 37 12.55 22.74 -0.57
CA PRO A 37 13.21 22.00 -1.66
C PRO A 37 14.09 22.86 -2.54
N LEU A 38 13.64 24.04 -2.94
CA LEU A 38 14.48 24.85 -3.84
C LEU A 38 15.66 25.49 -3.10
N GLU A 39 15.52 25.78 -1.81
CA GLU A 39 16.68 26.24 -1.05
C GLU A 39 17.68 25.10 -0.86
N ALA A 40 17.16 23.89 -0.61
CA ALA A 40 18.05 22.75 -0.49
C ALA A 40 18.75 22.46 -1.82
N LEU A 41 18.03 22.65 -2.92
CA LEU A 41 18.63 22.39 -4.23
C LEU A 41 19.84 23.28 -4.46
N LYS A 42 19.81 24.51 -3.94
CA LYS A 42 20.99 25.38 -4.01
C LYS A 42 22.18 24.75 -3.30
N ALA A 43 21.93 24.11 -2.16
CA ALA A 43 23.02 23.45 -1.42
C ALA A 43 23.52 22.23 -2.18
N ILE A 44 22.62 21.41 -2.71
CA ILE A 44 23.04 20.29 -3.54
C ILE A 44 23.86 20.81 -4.73
N ASP A 45 23.44 21.92 -5.34
CA ASP A 45 24.19 22.48 -6.44
C ASP A 45 25.62 22.78 -6.04
N LYS A 46 25.82 23.39 -4.86
CA LYS A 46 27.18 23.67 -4.41
C LYS A 46 27.97 22.38 -4.23
N MET A 47 27.33 21.31 -3.73
CA MET A 47 28.01 20.04 -3.60
CA MET A 47 28.03 20.04 -3.60
C MET A 47 28.36 19.45 -4.97
N ILE A 48 27.46 19.57 -5.94
CA ILE A 48 27.69 19.05 -7.29
C ILE A 48 28.88 19.77 -7.92
N VAL A 49 28.94 21.09 -7.79
CA VAL A 49 30.06 21.87 -8.31
C VAL A 49 31.36 21.42 -7.67
N MET A 50 31.33 21.22 -6.35
CA MET A 50 32.50 20.75 -5.65
C MET A 50 32.91 19.36 -6.09
N GLY A 51 31.95 18.45 -6.22
CA GLY A 51 32.30 17.10 -6.66
C GLY A 51 32.87 17.07 -8.06
N ALA A 52 32.34 17.92 -8.94
CA ALA A 52 32.90 18.00 -10.29
C ALA A 52 34.33 18.53 -10.29
N ALA A 53 34.70 19.33 -9.30
CA ALA A 53 36.04 19.87 -9.22
C ALA A 53 37.01 18.93 -8.52
N ALA A 54 36.51 17.98 -7.74
CA ALA A 54 37.36 17.15 -6.92
C ALA A 54 38.17 16.18 -7.79
N ASP A 55 39.29 15.75 -7.24
CA ASP A 55 40.14 14.81 -7.95
CA ASP A 55 40.15 14.80 -7.93
C ASP A 55 39.39 13.48 -8.12
N PRO A 56 39.18 13.00 -9.36
CA PRO A 56 38.38 11.77 -9.51
C PRO A 56 38.96 10.53 -8.83
N LYS A 57 40.28 10.40 -8.77
CA LYS A 57 40.85 9.24 -8.09
C LYS A 57 40.63 9.33 -6.59
N LEU A 58 40.66 10.55 -6.03
CA LEU A 58 40.37 10.67 -4.59
C LEU A 58 38.90 10.46 -4.28
N LEU A 59 38.00 10.90 -5.16
CA LEU A 59 36.59 10.56 -4.96
C LEU A 59 36.40 9.04 -4.98
N LYS A 60 37.02 8.37 -5.96
N LYS A 60 37.05 8.34 -5.91
N LYS A 60 37.04 8.35 -5.92
CA LYS A 60 36.97 6.92 -6.04
CA LYS A 60 36.87 6.89 -6.00
CA LYS A 60 36.89 6.90 -6.00
C LYS A 60 37.40 6.30 -4.72
C LYS A 60 37.46 6.19 -4.78
C LYS A 60 37.46 6.20 -4.77
N ALA A 61 38.57 6.71 -4.24
CA ALA A 61 39.13 6.13 -3.03
C ALA A 61 38.23 6.39 -1.84
N ALA A 62 37.58 7.55 -1.79
CA ALA A 62 36.67 7.81 -0.69
C ALA A 62 35.44 6.91 -0.78
N ALA A 63 34.93 6.67 -1.99
CA ALA A 63 33.83 5.72 -2.13
C ALA A 63 34.27 4.34 -1.67
N GLU A 64 35.44 3.90 -2.11
CA GLU A 64 35.94 2.61 -1.68
C GLU A 64 36.04 2.52 -0.15
N ALA A 65 36.52 3.58 0.49
CA ALA A 65 36.62 3.56 1.95
C ALA A 65 35.25 3.39 2.61
N HIS A 66 34.21 4.01 2.05
CA HIS A 66 32.88 3.83 2.62
C HIS A 66 32.37 2.42 2.40
N HIS A 67 32.61 1.85 1.22
CA HIS A 67 32.27 0.44 0.98
C HIS A 67 32.90 -0.45 2.05
N LYS A 68 34.19 -0.26 2.30
CA LYS A 68 34.85 -1.08 3.31
C LYS A 68 34.24 -0.85 4.69
N ALA A 69 33.92 0.42 5.02
CA ALA A 69 33.36 0.76 6.32
C ALA A 69 32.01 0.09 6.56
N ILE A 70 31.20 -0.02 5.50
CA ILE A 70 29.91 -0.69 5.62
C ILE A 70 30.10 -2.13 6.06
N GLY A 71 31.18 -2.77 5.60
CA GLY A 71 31.39 -4.16 5.93
C GLY A 71 31.75 -4.41 7.39
N SER A 72 32.19 -3.39 8.12
CA SER A 72 32.63 -3.58 9.50
C SER A 72 31.65 -3.03 10.53
N VAL A 73 30.46 -2.62 10.10
N VAL A 73 30.46 -2.61 10.11
CA VAL A 73 29.45 -2.13 11.05
CA VAL A 73 29.47 -2.12 11.05
C VAL A 73 29.10 -3.20 12.07
C VAL A 73 29.19 -3.20 12.08
N SER A 74 28.93 -2.78 13.32
CA SER A 74 28.56 -3.72 14.36
C SER A 74 27.84 -2.97 15.48
N GLY A 75 27.10 -3.74 16.29
CA GLY A 75 26.42 -3.20 17.44
C GLY A 75 25.11 -2.54 17.06
N PRO A 76 24.35 -2.12 18.07
CA PRO A 76 22.98 -1.65 17.78
C PRO A 76 22.90 -0.26 17.21
N ASN A 77 23.97 0.53 17.26
CA ASN A 77 23.98 1.87 16.70
C ASN A 77 24.49 1.94 15.28
N GLY A 78 24.97 0.83 14.71
CA GLY A 78 25.43 0.82 13.34
C GLY A 78 26.81 1.42 13.10
N VAL A 79 27.67 1.46 14.11
CA VAL A 79 28.96 2.11 13.94
C VAL A 79 29.97 1.20 13.26
N THR A 80 30.71 1.75 12.31
CA THR A 80 31.83 1.09 11.65
C THR A 80 33.00 0.95 12.64
N SER A 81 33.99 0.15 12.26
CA SER A 81 35.15 -0.06 13.12
C SER A 81 35.98 1.21 13.25
N ARG A 82 36.81 1.25 14.30
CA ARG A 82 37.71 2.38 14.50
C ARG A 82 38.62 2.57 13.29
N ALA A 83 39.17 1.48 12.75
CA ALA A 83 40.08 1.63 11.62
C ALA A 83 39.36 2.19 10.41
N ASP A 84 38.12 1.77 10.18
CA ASP A 84 37.37 2.27 9.03
C ASP A 84 36.90 3.70 9.23
N TRP A 85 36.57 4.09 10.46
CA TRP A 85 36.28 5.48 10.74
C TRP A 85 37.45 6.35 10.31
N ASP A 86 38.66 5.97 10.71
CA ASP A 86 39.84 6.76 10.36
C ASP A 86 40.06 6.75 8.85
N ASN A 87 39.84 5.60 8.21
N ASN A 87 39.88 5.59 8.21
CA ASN A 87 40.09 5.47 6.78
CA ASN A 87 40.08 5.49 6.78
C ASN A 87 39.11 6.33 5.99
C ASN A 87 39.13 6.43 6.05
N VAL A 88 37.85 6.41 6.43
CA VAL A 88 36.88 7.31 5.81
C VAL A 88 37.30 8.76 6.00
N ASN A 89 37.65 9.14 7.24
CA ASN A 89 37.97 10.54 7.47
C ASN A 89 39.20 10.96 6.69
N ALA A 90 40.22 10.11 6.63
CA ALA A 90 41.40 10.45 5.84
C ALA A 90 41.02 10.63 4.37
N ALA A 91 40.24 9.70 3.82
CA ALA A 91 39.87 9.80 2.42
C ALA A 91 39.07 11.07 2.13
N LEU A 92 38.14 11.41 3.02
CA LEU A 92 37.37 12.64 2.82
C LEU A 92 38.26 13.87 2.95
N GLY A 93 39.18 13.87 3.90
CA GLY A 93 40.10 15.00 4.00
C GLY A 93 40.89 15.22 2.72
N ARG A 94 41.33 14.12 2.09
CA ARG A 94 42.05 14.26 0.82
C ARG A 94 41.14 14.85 -0.25
N VAL A 95 39.87 14.43 -0.29
CA VAL A 95 38.92 15.01 -1.24
C VAL A 95 38.80 16.52 -1.01
N ILE A 96 38.58 16.92 0.25
CA ILE A 96 38.43 18.34 0.59
C ILE A 96 39.64 19.12 0.13
N ALA A 97 40.84 18.58 0.34
CA ALA A 97 42.06 19.27 -0.06
C ALA A 97 42.20 19.42 -1.57
N SER A 98 41.44 18.63 -2.33
CA SER A 98 41.56 18.65 -3.78
C SER A 98 40.72 19.73 -4.45
N VAL A 99 39.96 20.50 -3.69
CA VAL A 99 39.17 21.61 -4.23
C VAL A 99 39.50 22.87 -3.44
N PRO A 100 39.31 24.03 -4.04
CA PRO A 100 39.63 25.26 -3.31
C PRO A 100 38.67 25.52 -2.15
N GLU A 101 39.18 26.29 -1.20
CA GLU A 101 38.45 26.61 0.02
C GLU A 101 37.07 27.18 -0.27
N ASN A 102 36.95 28.05 -1.27
CA ASN A 102 35.67 28.71 -1.50
C ASN A 102 34.57 27.71 -1.85
N MET A 103 34.92 26.63 -2.56
CA MET A 103 33.91 25.63 -2.91
C MET A 103 33.40 24.92 -1.67
N VAL A 104 34.30 24.66 -0.72
CA VAL A 104 33.95 23.99 0.52
C VAL A 104 33.08 24.89 1.38
N MET A 105 33.50 26.16 1.53
CA MET A 105 32.72 27.12 2.30
C MET A 105 31.35 27.37 1.67
N ASP A 106 31.24 27.30 0.33
CA ASP A 106 29.96 27.49 -0.31
C ASP A 106 28.98 26.39 0.08
N VAL A 107 29.48 25.15 0.22
CA VAL A 107 28.63 24.06 0.70
C VAL A 107 28.19 24.34 2.13
N TYR A 108 29.14 24.64 3.02
CA TYR A 108 28.80 24.95 4.41
C TYR A 108 27.74 26.04 4.50
N ASP A 109 27.94 27.14 3.77
CA ASP A 109 27.01 28.25 3.86
C ASP A 109 25.62 27.85 3.37
N SER A 110 25.55 27.10 2.26
N SER A 110 25.55 27.13 2.25
CA SER A 110 24.25 26.77 1.67
CA SER A 110 24.24 26.80 1.71
C SER A 110 23.51 25.71 2.47
C SER A 110 23.53 25.79 2.58
N VAL A 111 24.24 24.81 3.14
CA VAL A 111 23.61 23.86 4.04
C VAL A 111 23.15 24.55 5.31
N SER A 112 23.98 25.45 5.85
N SER A 112 23.95 25.48 5.83
CA SER A 112 23.59 26.21 7.02
CA SER A 112 23.56 26.19 7.05
C SER A 112 22.22 26.86 6.82
C SER A 112 22.26 26.95 6.85
N LYS A 113 22.01 27.43 5.62
CA LYS A 113 20.79 28.18 5.37
C LYS A 113 19.53 27.32 5.49
N ILE A 114 19.63 26.02 5.26
CA ILE A 114 18.46 25.13 5.40
C ILE A 114 18.44 24.38 6.71
N THR A 115 19.43 24.55 7.58
CA THR A 115 19.50 23.76 8.81
C THR A 115 18.90 24.57 9.95
N ASP A 116 17.87 24.03 10.59
CA ASP A 116 17.27 24.72 11.72
C ASP A 116 18.33 24.95 12.80
N PRO A 117 18.39 26.14 13.39
CA PRO A 117 19.42 26.42 14.38
C PRO A 117 19.45 25.46 15.55
N LYS A 118 18.33 24.79 15.83
CA LYS A 118 18.24 23.88 16.98
C LYS A 118 18.72 22.47 16.67
N VAL A 119 19.06 22.19 15.41
CA VAL A 119 19.52 20.84 15.04
C VAL A 119 20.78 20.42 15.80
N PRO A 120 21.84 21.21 15.83
CA PRO A 120 23.04 20.77 16.58
C PRO A 120 22.73 20.37 18.01
N ALA A 121 21.99 21.20 18.74
CA ALA A 121 21.70 20.89 20.14
C ALA A 121 20.89 19.61 20.27
N TYR A 122 19.95 19.35 19.34
CA TYR A 122 19.18 18.11 19.42
C TYR A 122 20.09 16.91 19.19
N MET A 123 20.94 16.98 18.16
CA MET A 123 21.88 15.88 17.91
C MET A 123 22.78 15.64 19.11
N LYS A 124 23.32 16.71 19.68
CA LYS A 124 24.21 16.55 20.82
C LYS A 124 23.47 15.98 22.02
N SER A 125 22.18 16.30 22.15
CA SER A 125 21.42 15.80 23.30
C SER A 125 21.26 14.29 23.31
N LEU A 126 21.47 13.64 22.15
CA LEU A 126 21.35 12.19 22.06
C LEU A 126 22.63 11.46 22.40
N VAL A 127 23.73 12.16 22.62
CA VAL A 127 25.02 11.54 22.88
C VAL A 127 25.63 12.14 24.14
N ASN A 128 26.77 11.59 24.54
CA ASN A 128 27.52 12.15 25.64
C ASN A 128 28.10 13.49 25.20
N GLY A 129 27.74 14.57 25.90
CA GLY A 129 28.14 15.89 25.44
C GLY A 129 29.65 16.08 25.41
N ALA A 130 30.35 15.58 26.43
CA ALA A 130 31.80 15.74 26.45
C ALA A 130 32.44 15.03 25.26
N ASP A 131 31.90 13.89 24.87
CA ASP A 131 32.45 13.19 23.71
C ASP A 131 32.20 13.97 22.42
N ALA A 132 31.05 14.60 22.31
CA ALA A 132 30.80 15.44 21.12
C ALA A 132 31.75 16.63 21.10
N GLU A 133 31.96 17.26 22.26
CA GLU A 133 32.86 18.41 22.32
C GLU A 133 34.28 18.01 21.93
N LYS A 134 34.71 16.83 22.39
CA LYS A 134 36.04 16.33 22.05
C LYS A 134 36.14 16.02 20.57
N ALA A 135 35.09 15.46 19.99
CA ALA A 135 35.09 15.18 18.56
C ALA A 135 35.23 16.47 17.75
N TYR A 136 34.50 17.52 18.15
CA TYR A 136 34.54 18.77 17.40
C TYR A 136 35.90 19.43 17.51
N GLU A 137 36.51 19.40 18.71
CA GLU A 137 37.86 19.91 18.83
C GLU A 137 38.80 19.12 17.94
N GLY A 138 38.58 17.80 17.85
CA GLY A 138 39.35 17.00 16.92
C GLY A 138 39.15 17.42 15.47
N PHE A 139 37.90 17.67 15.08
CA PHE A 139 37.63 18.15 13.72
C PHE A 139 38.36 19.46 13.43
N LEU A 140 38.38 20.38 14.39
CA LEU A 140 39.03 21.67 14.14
C LEU A 140 40.53 21.50 13.92
N ALA A 141 41.16 20.58 14.66
CA ALA A 141 42.58 20.30 14.43
C ALA A 141 42.79 19.63 13.06
N PHE A 142 41.91 18.70 12.72
CA PHE A 142 42.03 17.99 11.46
C PHE A 142 41.93 18.92 10.26
N LYS A 143 40.95 19.83 10.28
CA LYS A 143 40.75 20.69 9.12
C LYS A 143 41.91 21.63 8.92
N ASP A 144 42.67 21.95 9.98
CA ASP A 144 43.89 22.74 9.79
C ASP A 144 44.92 21.99 8.95
N VAL A 145 45.05 20.68 9.18
CA VAL A 145 45.99 19.88 8.39
C VAL A 145 45.50 19.77 6.95
N VAL A 146 44.20 19.55 6.76
CA VAL A 146 43.61 19.52 5.43
C VAL A 146 43.93 20.82 4.68
N LYS A 147 43.69 21.95 5.33
CA LYS A 147 43.89 23.23 4.65
C LYS A 147 45.33 23.42 4.20
N LYS A 148 46.30 22.88 4.95
CA LYS A 148 47.70 23.06 4.59
C LYS A 148 48.00 22.47 3.22
N SER A 149 47.32 21.38 2.87
CA SER A 149 47.45 20.60 1.66
C SER A 149 46.51 21.08 0.55
N GLN A 150 45.66 22.09 0.82
CA GLN A 150 44.53 22.34 -0.07
C GLN A 150 44.94 23.17 -1.30
N VAL A 151 44.45 22.76 -2.48
CA VAL A 151 44.73 23.48 -3.73
C VAL A 151 44.13 24.87 -3.69
N THR A 152 44.67 25.76 -4.51
CA THR A 152 44.15 27.11 -4.55
C THR A 152 43.35 27.41 -5.81
N SER A 153 43.28 26.47 -6.75
CA SER A 153 42.50 26.67 -7.96
C SER A 153 41.85 25.34 -8.32
N ALA A 154 40.74 25.44 -9.04
CA ALA A 154 39.98 24.26 -9.42
C ALA A 154 40.43 23.78 -10.78
N ALA A 155 40.46 22.46 -10.94
CA ALA A 155 40.67 21.87 -12.24
C ALA A 155 39.53 22.22 -13.20
N GLY A 156 39.79 22.11 -14.49
CA GLY A 156 38.81 22.46 -15.50
C GLY A 156 37.76 21.38 -15.70
N PRO A 157 36.79 21.68 -16.55
CA PRO A 157 35.67 20.76 -16.77
C PRO A 157 36.00 19.61 -17.70
N ALA A 158 35.13 18.62 -17.67
CA ALA A 158 35.31 17.42 -18.46
C ALA A 158 34.96 17.68 -19.92
N THR A 159 35.52 16.85 -20.80
CA THR A 159 35.08 16.84 -22.18
C THR A 159 33.73 16.14 -22.31
N VAL A 160 32.88 16.70 -23.18
CA VAL A 160 31.52 16.23 -23.44
C VAL A 160 31.49 15.68 -24.87
N PRO A 161 31.30 14.37 -25.05
CA PRO A 161 31.17 13.83 -26.39
C PRO A 161 29.93 14.39 -27.08
N SER A 162 29.95 14.41 -28.40
CA SER A 162 28.80 14.84 -29.16
C SER A 162 28.57 13.86 -30.30
N GLY A 163 27.33 13.39 -30.43
CA GLY A 163 27.00 12.52 -31.53
C GLY A 163 27.42 11.08 -31.37
N ASP A 164 27.86 10.67 -30.18
CA ASP A 164 28.09 9.24 -29.93
C ASP A 164 26.75 8.53 -29.86
N LYS A 165 26.78 7.20 -29.86
CA LYS A 165 25.53 6.45 -29.92
C LYS A 165 24.65 6.74 -28.71
N ILE A 166 25.24 6.84 -27.52
CA ILE A 166 24.46 7.15 -26.33
C ILE A 166 23.86 8.54 -26.41
N GLY A 167 24.62 9.52 -26.91
CA GLY A 167 24.09 10.87 -27.01
C GLY A 167 22.90 10.96 -27.95
N VAL A 168 23.01 10.30 -29.10
CA VAL A 168 21.91 10.28 -30.05
C VAL A 168 20.69 9.61 -29.43
N ALA A 169 20.91 8.46 -28.79
CA ALA A 169 19.79 7.76 -28.16
C ALA A 169 19.17 8.58 -27.03
N ALA A 170 20.00 9.33 -26.30
CA ALA A 170 19.48 10.14 -25.20
C ALA A 170 18.56 11.23 -25.72
N GLN A 171 18.79 11.73 -26.93
N GLN A 171 18.81 11.74 -26.93
CA GLN A 171 17.89 12.75 -27.45
CA GLN A 171 17.89 12.74 -27.49
C GLN A 171 16.48 12.18 -27.65
C GLN A 171 16.49 12.15 -27.61
N GLN A 172 16.39 10.93 -28.14
CA GLN A 172 15.10 10.30 -28.32
C GLN A 172 14.45 9.98 -26.98
N LEU A 173 15.21 9.45 -26.02
CA LEU A 173 14.66 9.17 -24.70
C LEU A 173 14.12 10.45 -24.10
N SER A 174 14.88 11.54 -24.23
CA SER A 174 14.50 12.78 -23.56
C SER A 174 13.26 13.39 -24.19
N GLU A 175 13.17 13.40 -25.53
CA GLU A 175 11.96 13.89 -26.17
C GLU A 175 10.74 13.09 -25.73
N ALA A 176 10.89 11.78 -25.62
CA ALA A 176 9.75 10.94 -25.28
C ALA A 176 9.34 11.10 -23.83
N SER A 177 10.29 11.38 -22.94
CA SER A 177 10.02 11.36 -21.50
C SER A 177 9.90 12.73 -20.85
N TYR A 178 10.19 13.81 -21.56
CA TYR A 178 10.07 15.13 -20.96
C TYR A 178 8.65 15.43 -20.50
N PRO A 179 7.58 14.99 -21.19
CA PRO A 179 6.24 15.24 -20.63
C PRO A 179 6.06 14.64 -19.26
N PHE A 180 6.53 13.40 -19.06
CA PHE A 180 6.50 12.77 -17.75
C PHE A 180 7.34 13.56 -16.74
N LEU A 181 8.55 13.96 -17.12
CA LEU A 181 9.41 14.74 -16.23
C LEU A 181 8.68 15.98 -15.73
N LYS A 182 7.98 16.68 -16.63
CA LYS A 182 7.29 17.91 -16.26
C LYS A 182 6.13 17.68 -15.33
N GLU A 183 5.55 16.49 -15.29
N GLU A 183 5.54 16.47 -15.34
CA GLU A 183 4.37 16.23 -14.46
CA GLU A 183 4.38 16.13 -14.51
C GLU A 183 4.71 15.72 -13.08
C GLU A 183 4.77 15.92 -13.05
N ILE A 184 5.97 15.38 -12.81
CA ILE A 184 6.37 14.94 -11.49
C ILE A 184 6.43 16.15 -10.57
N ASP A 185 5.99 15.97 -9.33
CA ASP A 185 6.05 17.03 -8.32
C ASP A 185 7.43 17.02 -7.66
N TRP A 186 8.34 17.81 -8.22
CA TRP A 186 9.72 17.85 -7.74
C TRP A 186 9.86 18.49 -6.37
N LEU A 187 8.83 19.18 -5.89
CA LEU A 187 8.88 19.89 -4.62
C LEU A 187 8.19 19.13 -3.50
N SER A 188 7.82 17.89 -3.74
CA SER A 188 7.11 17.09 -2.77
C SER A 188 8.06 16.58 -1.70
N ASP A 189 7.49 16.28 -0.54
CA ASP A 189 8.18 15.61 0.55
C ASP A 189 8.12 14.09 0.45
N VAL A 190 7.45 13.55 -0.58
CA VAL A 190 7.22 12.11 -0.62
C VAL A 190 8.53 11.33 -0.74
N TYR A 191 9.57 11.95 -1.30
CA TYR A 191 10.84 11.27 -1.57
C TYR A 191 11.58 10.95 -0.29
N MET A 192 11.20 11.60 0.80
CA MET A 192 11.75 11.35 2.11
C MET A 192 10.80 10.54 2.97
N LYS A 193 9.77 9.90 2.41
CA LYS A 193 9.02 8.94 3.19
C LYS A 193 9.74 7.59 3.16
N PRO A 194 9.81 6.90 4.29
CA PRO A 194 10.66 5.72 4.38
C PRO A 194 10.13 4.53 3.59
N LEU A 195 11.05 3.61 3.32
CA LEU A 195 10.74 2.39 2.58
C LEU A 195 10.04 1.40 3.52
N PRO A 196 8.81 1.01 3.24
CA PRO A 196 8.08 0.17 4.20
C PRO A 196 8.82 -1.14 4.46
N GLY A 197 8.98 -1.48 5.75
CA GLY A 197 9.52 -2.76 6.13
C GLY A 197 11.01 -2.92 5.98
N VAL A 198 11.76 -1.85 5.73
CA VAL A 198 13.19 -1.93 5.43
C VAL A 198 13.98 -1.24 6.53
N SER A 199 14.87 -1.99 7.16
CA SER A 199 15.68 -1.39 8.22
C SER A 199 16.77 -0.51 7.61
N ALA A 200 17.35 0.35 8.45
CA ALA A 200 18.48 1.14 8.00
C ALA A 200 19.62 0.27 7.52
N GLN A 201 19.89 -0.83 8.21
CA GLN A 201 20.99 -1.70 7.79
C GLN A 201 20.69 -2.36 6.44
N GLN A 202 19.43 -2.69 6.17
CA GLN A 202 19.06 -3.23 4.87
C GLN A 202 19.17 -2.19 3.77
N SER A 203 18.72 -0.97 4.05
N SER A 203 18.76 -0.95 4.04
CA SER A 203 18.92 0.12 3.09
CA SER A 203 18.91 0.08 3.01
C SER A 203 20.40 0.33 2.81
C SER A 203 20.37 0.51 2.85
N LEU A 204 21.22 0.30 3.87
CA LEU A 204 22.65 0.55 3.71
C LEU A 204 23.27 -0.46 2.76
N LYS A 205 22.83 -1.71 2.81
CA LYS A 205 23.39 -2.70 1.90
C LYS A 205 23.03 -2.41 0.45
N ALA A 206 21.87 -1.79 0.19
CA ALA A 206 21.55 -1.37 -1.18
C ALA A 206 22.36 -0.15 -1.60
N ILE A 207 22.48 0.84 -0.72
CA ILE A 207 23.35 1.99 -0.97
C ILE A 207 24.77 1.53 -1.29
N ASP A 208 25.25 0.51 -0.55
CA ASP A 208 26.59 -0.02 -0.80
C ASP A 208 26.80 -0.36 -2.27
N LYS A 209 25.81 -0.98 -2.91
CA LYS A 209 25.99 -1.35 -4.32
C LYS A 209 26.18 -0.13 -5.21
N MET A 210 25.52 0.99 -4.87
CA MET A 210 25.71 2.22 -5.64
C MET A 210 27.06 2.85 -5.35
N ILE A 211 27.53 2.78 -4.11
CA ILE A 211 28.86 3.26 -3.77
C ILE A 211 29.92 2.46 -4.53
N VAL A 212 29.77 1.14 -4.57
CA VAL A 212 30.69 0.28 -5.32
C VAL A 212 30.66 0.66 -6.79
N MET A 213 29.47 0.89 -7.34
CA MET A 213 29.36 1.28 -8.74
C MET A 213 30.09 2.61 -8.99
N GLY A 214 29.88 3.58 -8.11
CA GLY A 214 30.60 4.84 -8.23
C GLY A 214 32.10 4.67 -8.23
N ALA A 215 32.61 3.78 -7.37
CA ALA A 215 34.04 3.55 -7.32
C ALA A 215 34.57 2.91 -8.59
N GLN A 216 33.73 2.14 -9.28
N GLN A 216 33.75 2.14 -9.29
CA GLN A 216 34.16 1.51 -10.52
CA GLN A 216 34.22 1.52 -10.52
C GLN A 216 34.07 2.45 -11.70
C GLN A 216 33.98 2.36 -11.76
N ALA A 217 33.12 3.36 -11.69
CA ALA A 217 32.81 4.15 -12.85
C ALA A 217 33.98 5.02 -13.30
N ASP A 218 33.93 5.41 -14.56
CA ASP A 218 34.96 6.29 -15.11
CA ASP A 218 34.94 6.29 -15.13
C ASP A 218 34.85 7.67 -14.48
N GLY A 219 35.98 8.15 -13.93
CA GLY A 219 35.97 9.42 -13.24
C GLY A 219 35.61 10.61 -14.11
N ASN A 220 36.06 10.60 -15.38
CA ASN A 220 35.70 11.69 -16.29
C ASN A 220 34.22 11.65 -16.61
N ALA A 221 33.67 10.46 -16.84
CA ALA A 221 32.23 10.37 -17.08
C ALA A 221 31.43 10.87 -15.89
N LEU A 222 31.85 10.51 -14.66
N LEU A 222 31.88 10.56 -14.69
CA LEU A 222 31.16 11.00 -13.47
CA LEU A 222 31.15 11.01 -13.52
C LEU A 222 31.23 12.52 -13.41
C LEU A 222 31.25 12.52 -13.37
N LYS A 223 32.43 13.07 -13.63
CA LYS A 223 32.60 14.53 -13.60
CA LYS A 223 32.61 14.52 -13.61
C LYS A 223 31.69 15.21 -14.60
N ALA A 224 31.64 14.69 -15.83
CA ALA A 224 30.78 15.28 -16.84
C ALA A 224 29.32 15.19 -16.44
N ALA A 225 28.92 14.08 -15.80
CA ALA A 225 27.53 13.95 -15.36
C ALA A 225 27.20 14.93 -14.24
N ALA A 226 28.14 15.15 -13.32
CA ALA A 226 27.93 16.17 -12.30
C ALA A 226 27.79 17.54 -12.94
N GLU A 227 28.68 17.86 -13.89
CA GLU A 227 28.57 19.13 -14.59
C GLU A 227 27.22 19.30 -15.27
N ALA A 228 26.69 18.25 -15.87
CA ALA A 228 25.39 18.34 -16.54
C ALA A 228 24.28 18.61 -15.54
N HIS A 229 24.38 18.06 -14.33
CA HIS A 229 23.37 18.37 -13.32
C HIS A 229 23.50 19.80 -12.80
N HIS A 230 24.72 20.33 -12.67
CA HIS A 230 24.84 21.74 -12.29
C HIS A 230 24.14 22.63 -13.33
N LYS A 231 24.42 22.40 -14.62
CA LYS A 231 23.75 23.15 -15.67
C LYS A 231 22.23 23.05 -15.52
N ALA A 232 21.74 21.83 -15.33
CA ALA A 232 20.30 21.60 -15.27
C ALA A 232 19.66 22.32 -14.11
N ILE A 233 20.32 22.35 -12.95
CA ILE A 233 19.77 23.10 -11.81
C ILE A 233 19.57 24.56 -12.18
N GLY A 234 20.53 25.14 -12.90
CA GLY A 234 20.45 26.53 -13.27
C GLY A 234 19.31 26.88 -14.19
N SER A 235 18.76 25.91 -14.90
CA SER A 235 17.74 26.20 -15.89
C SER A 235 16.32 25.87 -15.45
N ILE A 236 16.10 25.50 -14.17
CA ILE A 236 14.77 25.12 -13.72
C ILE A 236 13.78 26.28 -13.79
N ASP A 237 12.53 25.93 -13.98
CA ASP A 237 11.42 26.87 -13.86
C ASP A 237 10.97 26.93 -12.40
N ALA A 238 9.87 27.64 -12.14
CA ALA A 238 9.40 27.86 -10.78
C ALA A 238 8.90 26.60 -10.09
N THR A 239 8.64 25.53 -10.86
CA THR A 239 8.22 24.24 -10.31
C THR A 239 9.39 23.28 -10.19
N GLY A 240 10.59 23.73 -10.49
CA GLY A 240 11.77 22.92 -10.38
C GLY A 240 12.09 22.08 -11.59
N VAL A 241 11.44 22.28 -12.74
CA VAL A 241 11.69 21.45 -13.91
C VAL A 241 12.74 22.10 -14.80
N THR A 242 13.81 21.37 -15.07
CA THR A 242 14.92 21.81 -15.93
C THR A 242 14.47 21.90 -17.37
N SER A 243 15.29 22.58 -18.19
CA SER A 243 14.94 22.74 -19.59
C SER A 243 15.09 21.42 -20.33
N ALA A 244 14.40 21.32 -21.46
CA ALA A 244 14.47 20.10 -22.26
C ALA A 244 15.89 19.80 -22.73
N ALA A 245 16.65 20.82 -23.13
CA ALA A 245 18.01 20.58 -23.60
C ALA A 245 18.90 20.08 -22.46
N ASP A 246 18.76 20.68 -21.28
CA ASP A 246 19.61 20.28 -20.17
C ASP A 246 19.24 18.88 -19.69
N TYR A 247 17.96 18.53 -19.76
CA TYR A 247 17.52 17.17 -19.44
C TYR A 247 18.18 16.16 -20.37
N ALA A 248 18.19 16.45 -21.67
CA ALA A 248 18.79 15.54 -22.62
C ALA A 248 20.28 15.34 -22.33
N ALA A 249 20.98 16.42 -21.95
CA ALA A 249 22.40 16.30 -21.63
C ALA A 249 22.63 15.49 -20.36
N VAL A 250 21.73 15.59 -19.37
CA VAL A 250 21.78 14.72 -18.20
C VAL A 250 21.62 13.26 -18.60
N ASN A 251 20.62 12.96 -19.44
CA ASN A 251 20.40 11.56 -19.82
C ASN A 251 21.59 11.00 -20.58
N ALA A 252 22.17 11.79 -21.48
CA ALA A 252 23.35 11.30 -22.20
C ALA A 252 24.49 11.04 -21.22
N ALA A 253 24.73 11.99 -20.32
CA ALA A 253 25.85 11.84 -19.40
C ALA A 253 25.66 10.65 -18.49
N LEU A 254 24.43 10.42 -18.02
CA LEU A 254 24.21 9.28 -17.15
C LEU A 254 24.31 7.97 -17.92
N GLY A 255 23.87 7.93 -19.17
CA GLY A 255 24.08 6.73 -19.96
C GLY A 255 25.55 6.39 -20.09
N ARG A 256 26.40 7.40 -20.28
CA ARG A 256 27.84 7.15 -20.36
C ARG A 256 28.39 6.64 -19.04
N VAL A 257 27.87 7.12 -17.91
CA VAL A 257 28.28 6.57 -16.62
C VAL A 257 27.92 5.10 -16.53
N ILE A 258 26.67 4.76 -16.87
CA ILE A 258 26.24 3.37 -16.82
C ILE A 258 27.14 2.48 -17.67
N ALA A 259 27.50 2.94 -18.86
CA ALA A 259 28.30 2.15 -19.78
C ALA A 259 29.78 2.10 -19.39
N SER A 260 30.18 2.81 -18.33
CA SER A 260 31.55 2.79 -17.86
C SER A 260 31.80 1.76 -16.76
N VAL A 261 30.80 0.96 -16.41
CA VAL A 261 30.96 -0.18 -15.51
C VAL A 261 30.32 -1.38 -16.20
N PRO A 262 30.73 -2.59 -15.86
CA PRO A 262 30.11 -3.75 -16.50
C PRO A 262 28.66 -3.95 -16.08
N LYS A 263 27.96 -4.72 -16.92
CA LYS A 263 26.55 -5.03 -16.66
CA LYS A 263 26.55 -5.04 -16.66
C LYS A 263 26.34 -5.55 -15.24
N SER A 264 27.21 -6.44 -14.76
CA SER A 264 27.01 -7.04 -13.44
C SER A 264 26.98 -6.00 -12.32
N THR A 265 27.80 -4.94 -12.44
CA THR A 265 27.83 -3.90 -11.42
C THR A 265 26.51 -3.15 -11.37
N VAL A 266 25.92 -2.90 -12.55
CA VAL A 266 24.64 -2.20 -12.59
C VAL A 266 23.51 -3.11 -12.10
N MET A 267 23.53 -4.37 -12.50
CA MET A 267 22.51 -5.28 -12.04
C MET A 267 22.59 -5.52 -10.54
N ASP A 268 23.78 -5.44 -9.95
CA ASP A 268 23.84 -5.54 -8.49
C ASP A 268 23.07 -4.40 -7.84
N VAL A 269 23.16 -3.19 -8.41
CA VAL A 269 22.37 -2.06 -7.91
C VAL A 269 20.89 -2.36 -8.05
N TYR A 270 20.46 -2.70 -9.27
CA TYR A 270 19.05 -2.92 -9.52
C TYR A 270 18.49 -4.00 -8.61
N ASN A 271 19.18 -5.13 -8.49
CA ASN A 271 18.67 -6.23 -7.67
C ASN A 271 18.59 -5.83 -6.21
N ALA A 272 19.57 -5.08 -5.71
CA ALA A 272 19.51 -4.65 -4.32
C ALA A 272 18.35 -3.66 -4.12
N MET A 273 18.16 -2.73 -5.05
CA MET A 273 17.04 -1.81 -4.95
C MET A 273 15.71 -2.54 -5.03
N ALA A 274 15.62 -3.56 -5.88
CA ALA A 274 14.35 -4.30 -5.98
C ALA A 274 14.02 -4.94 -4.64
N GLY A 275 15.03 -5.34 -3.88
CA GLY A 275 14.81 -5.98 -2.60
C GLY A 275 14.33 -5.03 -1.51
N VAL A 276 14.51 -3.71 -1.69
CA VAL A 276 14.08 -2.75 -0.69
C VAL A 276 12.93 -1.87 -1.14
N THR A 277 12.45 -2.00 -2.38
CA THR A 277 11.44 -1.08 -2.90
C THR A 277 10.07 -1.77 -2.92
N ASP A 278 9.19 -1.37 -2.01
CA ASP A 278 7.84 -1.89 -1.97
C ASP A 278 7.18 -1.66 -3.34
N THR A 279 6.39 -2.64 -3.79
CA THR A 279 5.80 -2.48 -5.11
C THR A 279 4.72 -1.41 -5.15
N SER A 280 4.26 -0.93 -4.00
CA SER A 280 3.34 0.20 -4.04
C SER A 280 4.03 1.53 -4.29
N ILE A 281 5.35 1.62 -4.20
CA ILE A 281 6.04 2.89 -4.44
C ILE A 281 5.99 3.27 -5.92
N PRO A 282 6.36 2.39 -6.85
CA PRO A 282 6.16 2.77 -8.25
C PRO A 282 4.70 3.08 -8.56
N LEU A 283 3.77 2.30 -7.98
CA LEU A 283 2.35 2.57 -8.25
C LEU A 283 1.96 3.95 -7.75
N ASN A 284 2.40 4.32 -6.54
CA ASN A 284 2.08 5.63 -6.01
C ASN A 284 2.63 6.73 -6.91
N MET A 285 3.87 6.59 -7.37
CA MET A 285 4.45 7.59 -8.26
C MET A 285 3.69 7.67 -9.58
N PHE A 286 3.41 6.52 -10.18
CA PHE A 286 2.68 6.47 -11.44
C PHE A 286 1.32 7.11 -11.30
N SER A 287 0.67 6.90 -10.17
CA SER A 287 -0.70 7.38 -9.98
C SER A 287 -0.78 8.89 -9.93
N LYS A 288 0.33 9.59 -9.73
CA LYS A 288 0.33 11.04 -9.62
C LYS A 288 0.58 11.75 -10.94
N VAL A 289 0.82 11.02 -12.01
CA VAL A 289 1.14 11.62 -13.30
C VAL A 289 0.19 11.09 -14.37
N ASN A 290 0.29 11.64 -15.56
CA ASN A 290 -0.48 11.15 -16.70
C ASN A 290 0.00 9.76 -17.07
N PRO A 291 -0.87 8.75 -17.10
CA PRO A 291 -0.40 7.38 -17.29
C PRO A 291 0.13 7.13 -18.68
N LEU A 292 -0.35 7.88 -19.67
CA LEU A 292 0.17 7.75 -21.02
C LEU A 292 1.59 8.27 -21.10
N ASP A 293 1.85 9.40 -20.45
CA ASP A 293 3.18 9.95 -20.48
C ASP A 293 4.16 9.07 -19.73
N ALA A 294 3.72 8.47 -18.62
CA ALA A 294 4.61 7.54 -17.93
C ALA A 294 4.92 6.30 -18.76
N ASN A 295 3.92 5.71 -19.43
CA ASN A 295 4.23 4.58 -20.29
C ASN A 295 5.08 4.98 -21.49
N ALA A 296 4.90 6.19 -22.03
CA ALA A 296 5.76 6.63 -23.13
C ALA A 296 7.20 6.72 -22.66
N ALA A 297 7.40 7.25 -21.45
CA ALA A 297 8.73 7.38 -20.89
C ALA A 297 9.34 6.02 -20.65
N ALA A 298 8.58 5.09 -20.11
CA ALA A 298 9.12 3.77 -19.79
C ALA A 298 9.48 3.02 -21.06
N LYS A 299 8.60 3.03 -22.06
CA LYS A 299 8.93 2.38 -23.33
C LYS A 299 10.22 2.96 -23.91
N ALA A 300 10.35 4.29 -23.87
CA ALA A 300 11.56 4.93 -24.35
C ALA A 300 12.78 4.54 -23.53
N PHE A 301 12.64 4.40 -22.21
CA PHE A 301 13.75 3.96 -21.39
C PHE A 301 14.23 2.57 -21.79
N TYR A 302 13.28 1.64 -21.97
CA TYR A 302 13.69 0.29 -22.31
C TYR A 302 14.32 0.21 -23.69
N THR A 303 13.97 1.11 -24.59
CA THR A 303 14.70 1.24 -25.86
C THR A 303 16.08 1.82 -25.66
N PHE A 304 16.17 2.91 -24.90
CA PHE A 304 17.46 3.58 -24.65
C PHE A 304 18.47 2.64 -24.01
N LYS A 305 18.03 1.85 -23.04
CA LYS A 305 18.96 0.99 -22.32
CA LYS A 305 18.98 1.01 -22.32
C LYS A 305 19.61 -0.04 -23.23
N ASP A 306 18.98 -0.37 -24.37
CA ASP A 306 19.63 -1.29 -25.29
C ASP A 306 20.86 -0.65 -25.95
N VAL A 307 20.81 0.65 -26.20
CA VAL A 307 21.97 1.36 -26.73
C VAL A 307 23.07 1.43 -25.68
N VAL A 308 22.69 1.75 -24.44
CA VAL A 308 23.66 1.74 -23.34
C VAL A 308 24.28 0.37 -23.17
N GLN A 309 23.44 -0.68 -23.22
CA GLN A 309 23.91 -2.04 -23.05
C GLN A 309 24.97 -2.38 -24.09
N ALA A 310 24.72 -2.00 -25.34
CA ALA A 310 25.68 -2.30 -26.40
C ALA A 310 27.01 -1.58 -26.16
N ALA A 311 26.96 -0.32 -25.76
CA ALA A 311 28.19 0.43 -25.48
C ALA A 311 28.94 -0.15 -24.28
N GLN A 312 28.21 -0.58 -23.26
CA GLN A 312 28.77 -1.13 -22.04
C GLN A 312 29.48 -2.44 -22.32
N ASP B 1 -21.62 -21.27 41.60
CA ASP B 1 -22.25 -20.19 42.40
C ASP B 1 -23.53 -19.77 41.69
N GLU B 2 -24.23 -18.76 42.24
CA GLU B 2 -25.54 -18.40 41.71
C GLU B 2 -25.42 -17.85 40.30
N ILE B 3 -24.40 -17.04 40.05
CA ILE B 3 -24.25 -16.48 38.72
C ILE B 3 -23.88 -17.56 37.72
N GLY B 4 -23.00 -18.50 38.11
CA GLY B 4 -22.67 -19.61 37.22
C GLY B 4 -23.86 -20.48 36.87
N ASP B 5 -24.68 -20.82 37.88
CA ASP B 5 -25.89 -21.59 37.60
C ASP B 5 -26.79 -20.82 36.64
N ALA B 6 -26.92 -19.52 36.87
CA ALA B 6 -27.78 -18.72 36.00
C ALA B 6 -27.21 -18.61 34.59
N ALA B 7 -25.87 -18.60 34.44
CA ALA B 7 -25.27 -18.56 33.11
C ALA B 7 -25.59 -19.83 32.33
N LYS B 8 -25.74 -20.96 33.03
CA LYS B 8 -26.15 -22.17 32.33
C LYS B 8 -27.55 -22.02 31.74
N LYS B 9 -28.47 -21.45 32.53
CA LYS B 9 -29.82 -21.20 32.01
C LYS B 9 -29.79 -20.18 30.87
N LEU B 10 -28.96 -19.14 31.01
CA LEU B 10 -28.80 -18.19 29.91
C LEU B 10 -28.32 -18.88 28.65
N GLY B 11 -27.40 -19.83 28.79
CA GLY B 11 -26.89 -20.54 27.62
C GLY B 11 -27.95 -21.38 26.94
N ASP B 12 -28.78 -22.07 27.74
CA ASP B 12 -29.92 -22.78 27.18
C ASP B 12 -30.77 -21.84 26.33
N ALA B 13 -30.93 -20.60 26.79
CA ALA B 13 -31.79 -19.66 26.09
C ALA B 13 -31.13 -18.98 24.88
N SER B 14 -29.79 -18.86 24.86
CA SER B 14 -29.11 -17.94 23.95
C SER B 14 -28.11 -18.59 23.02
N TYR B 15 -27.70 -19.84 23.26
CA TYR B 15 -26.65 -20.39 22.42
C TYR B 15 -27.12 -20.62 20.98
N ALA B 16 -28.41 -20.90 20.75
CA ALA B 16 -28.90 -21.02 19.39
C ALA B 16 -28.66 -19.73 18.62
N PHE B 17 -28.99 -18.59 19.23
CA PHE B 17 -28.67 -17.28 18.66
C PHE B 17 -27.17 -17.12 18.44
N ALA B 18 -26.36 -17.48 19.45
CA ALA B 18 -24.91 -17.31 19.29
C ALA B 18 -24.38 -18.09 18.08
N LYS B 19 -24.91 -19.30 17.82
CA LYS B 19 -24.44 -20.09 16.68
C LYS B 19 -24.80 -19.44 15.36
N GLU B 20 -25.87 -18.65 15.32
N GLU B 20 -25.90 -18.66 15.36
CA GLU B 20 -26.30 -18.04 14.07
CA GLU B 20 -26.41 -18.00 14.16
C GLU B 20 -25.76 -16.64 13.82
C GLU B 20 -25.65 -16.72 13.83
N VAL B 21 -25.21 -15.98 14.84
CA VAL B 21 -24.52 -14.71 14.61
C VAL B 21 -23.27 -14.98 13.77
N ASP B 22 -23.03 -14.13 12.77
CA ASP B 22 -21.82 -14.21 11.96
C ASP B 22 -20.76 -13.35 12.63
N TRP B 23 -20.00 -13.96 13.53
CA TRP B 23 -19.02 -13.23 14.34
C TRP B 23 -17.83 -12.77 13.50
N ASN B 24 -17.66 -13.30 12.30
CA ASN B 24 -16.59 -12.93 11.40
C ASN B 24 -16.94 -11.75 10.52
N ASN B 25 -18.13 -11.16 10.69
CA ASN B 25 -18.51 -9.98 9.91
C ASN B 25 -17.60 -8.81 10.26
N GLY B 26 -17.04 -8.14 9.26
CA GLY B 26 -16.24 -6.97 9.51
C GLY B 26 -17.00 -5.78 10.02
N ILE B 27 -18.32 -5.82 9.97
CA ILE B 27 -19.10 -4.66 10.39
C ILE B 27 -18.79 -4.29 11.84
N PHE B 28 -18.41 -5.26 12.69
CA PHE B 28 -18.20 -4.96 14.10
C PHE B 28 -16.95 -4.16 14.36
N LEU B 29 -16.07 -3.98 13.36
CA LEU B 29 -14.98 -3.03 13.48
C LEU B 29 -15.48 -1.60 13.41
N GLN B 30 -16.62 -1.39 12.78
CA GLN B 30 -17.14 -0.06 12.53
C GLN B 30 -18.00 0.42 13.69
N ALA B 31 -18.18 1.73 13.75
CA ALA B 31 -19.09 2.32 14.71
C ALA B 31 -20.51 1.84 14.41
N PRO B 32 -21.36 1.81 15.43
CA PRO B 32 -22.76 1.35 15.25
C PRO B 32 -23.65 2.46 14.70
N GLY B 33 -23.33 2.89 13.49
CA GLY B 33 -23.91 4.07 12.88
C GLY B 33 -22.83 5.04 12.50
N LYS B 34 -23.20 6.29 12.21
CA LYS B 34 -22.20 7.29 11.87
C LYS B 34 -21.18 7.45 13.00
N LEU B 35 -19.91 7.54 12.65
CA LEU B 35 -18.87 7.71 13.64
C LEU B 35 -18.95 9.10 14.26
N GLN B 36 -18.96 9.16 15.59
CA GLN B 36 -19.04 10.42 16.35
C GLN B 36 -17.96 10.33 17.41
N PRO B 37 -16.71 10.62 17.05
CA PRO B 37 -15.60 10.23 17.94
C PRO B 37 -15.69 10.80 19.35
N LEU B 38 -15.98 12.09 19.51
CA LEU B 38 -16.03 12.65 20.86
C LEU B 38 -17.23 12.15 21.65
N GLU B 39 -18.36 11.88 21.00
CA GLU B 39 -19.46 11.26 21.71
C GLU B 39 -19.15 9.82 22.08
N ALA B 40 -18.47 9.10 21.19
CA ALA B 40 -18.07 7.74 21.54
C ALA B 40 -17.04 7.75 22.67
N LEU B 41 -16.15 8.74 22.69
CA LEU B 41 -15.17 8.82 23.76
C LEU B 41 -15.84 8.95 25.12
N LYS B 42 -17.01 9.61 25.17
CA LYS B 42 -17.76 9.66 26.43
C LYS B 42 -18.21 8.27 26.87
N ALA B 43 -18.60 7.43 25.93
CA ALA B 43 -18.99 6.07 26.28
C ALA B 43 -17.78 5.25 26.71
N ILE B 44 -16.66 5.35 25.98
CA ILE B 44 -15.44 4.70 26.42
C ILE B 44 -15.06 5.14 27.83
N ASP B 45 -15.21 6.44 28.12
CA ASP B 45 -14.88 6.93 29.46
C ASP B 45 -15.71 6.24 30.54
N LYS B 46 -17.01 6.07 30.30
CA LYS B 46 -17.85 5.35 31.24
C LYS B 46 -17.39 3.90 31.40
N MET B 47 -16.93 3.26 30.32
CA MET B 47 -16.40 1.90 30.44
CA MET B 47 -16.40 1.90 30.45
C MET B 47 -15.10 1.88 31.25
N ILE B 48 -14.24 2.88 31.04
CA ILE B 48 -12.99 2.97 31.78
C ILE B 48 -13.26 3.15 33.28
N VAL B 49 -14.19 4.02 33.63
CA VAL B 49 -14.58 4.21 35.03
C VAL B 49 -15.05 2.89 35.64
N MET B 50 -15.90 2.18 34.90
CA MET B 50 -16.41 0.90 35.37
C MET B 50 -15.30 -0.11 35.52
N GLY B 51 -14.42 -0.20 34.52
CA GLY B 51 -13.33 -1.17 34.61
C GLY B 51 -12.40 -0.89 35.77
N ALA B 52 -12.13 0.39 36.05
CA ALA B 52 -11.29 0.76 37.18
C ALA B 52 -11.94 0.40 38.52
N ALA B 53 -13.27 0.38 38.57
CA ALA B 53 -14.00 0.03 39.80
C ALA B 53 -14.17 -1.46 39.96
N ALA B 54 -14.05 -2.24 38.90
CA ALA B 54 -14.34 -3.67 38.94
C ALA B 54 -13.29 -4.41 39.76
N ASP B 55 -13.69 -5.55 40.29
CA ASP B 55 -12.78 -6.38 41.05
CA ASP B 55 -12.79 -6.39 41.06
C ASP B 55 -11.67 -6.87 40.15
N PRO B 56 -10.39 -6.57 40.44
CA PRO B 56 -9.33 -6.99 39.51
C PRO B 56 -9.24 -8.50 39.28
N LYS B 57 -9.48 -9.31 40.30
CA LYS B 57 -9.42 -10.76 40.11
C LYS B 57 -10.54 -11.25 39.20
N LEU B 58 -11.73 -10.63 39.29
CA LEU B 58 -12.82 -11.00 38.39
C LEU B 58 -12.59 -10.50 36.97
N LEU B 59 -11.98 -9.33 36.79
CA LEU B 59 -11.58 -8.91 35.45
C LEU B 59 -10.61 -9.92 34.86
N LYS B 60 -9.60 -10.31 35.65
N LYS B 60 -9.61 -10.35 35.64
N LYS B 60 -9.62 -10.36 35.65
CA LYS B 60 -8.65 -11.31 35.20
CA LYS B 60 -8.64 -11.31 35.13
CA LYS B 60 -8.65 -11.31 35.12
C LYS B 60 -9.35 -12.59 34.77
C LYS B 60 -9.30 -12.63 34.79
C LYS B 60 -9.29 -12.65 34.80
N ALA B 61 -10.26 -13.09 35.61
CA ALA B 61 -10.94 -14.34 35.30
C ALA B 61 -11.77 -14.21 34.03
N ALA B 62 -12.39 -13.05 33.81
CA ALA B 62 -13.16 -12.86 32.60
C ALA B 62 -12.25 -12.81 31.37
N ALA B 63 -11.08 -12.18 31.48
CA ALA B 63 -10.11 -12.23 30.39
C ALA B 63 -9.70 -13.68 30.11
N GLU B 64 -9.39 -14.43 31.17
CA GLU B 64 -9.03 -15.84 31.00
C GLU B 64 -10.14 -16.62 30.30
N ALA B 65 -11.40 -16.37 30.66
CA ALA B 65 -12.52 -17.08 30.04
C ALA B 65 -12.57 -16.79 28.54
N HIS B 66 -12.29 -15.55 28.13
CA HIS B 66 -12.28 -15.24 26.71
C HIS B 66 -11.10 -15.90 26.00
N HIS B 67 -9.92 -15.92 26.63
CA HIS B 67 -8.79 -16.67 26.07
C HIS B 67 -9.18 -18.12 25.80
N LYS B 68 -9.81 -18.76 26.77
CA LYS B 68 -10.23 -20.14 26.58
C LYS B 68 -11.26 -20.27 25.46
N ALA B 69 -12.21 -19.34 25.41
CA ALA B 69 -13.25 -19.38 24.40
C ALA B 69 -12.68 -19.24 22.98
N ILE B 70 -11.63 -18.44 22.80
CA ILE B 70 -11.02 -18.31 21.48
C ILE B 70 -10.50 -19.66 21.00
N GLY B 71 -10.00 -20.48 21.92
CA GLY B 71 -9.48 -21.79 21.54
C GLY B 71 -10.52 -22.79 21.03
N SER B 72 -11.80 -22.59 21.34
CA SER B 72 -12.81 -23.56 20.97
C SER B 72 -13.69 -23.10 19.79
N VAL B 73 -13.35 -21.98 19.16
N VAL B 73 -13.37 -21.96 19.17
CA VAL B 73 -14.11 -21.49 18.01
CA VAL B 73 -14.15 -21.50 18.03
C VAL B 73 -14.14 -22.54 16.91
C VAL B 73 -14.17 -22.58 16.96
N SER B 74 -15.29 -22.68 16.26
CA SER B 74 -15.42 -23.65 15.18
C SER B 74 -16.57 -23.21 14.28
N GLY B 75 -16.53 -23.70 13.05
CA GLY B 75 -17.59 -23.47 12.10
C GLY B 75 -17.40 -22.16 11.37
N PRO B 76 -18.26 -21.89 10.39
CA PRO B 76 -18.03 -20.75 9.50
C PRO B 76 -18.38 -19.40 10.13
N ASN B 77 -19.13 -19.39 11.22
CA ASN B 77 -19.55 -18.15 11.87
C ASN B 77 -18.65 -17.75 13.04
N GLY B 78 -17.65 -18.56 13.39
CA GLY B 78 -16.73 -18.20 14.45
C GLY B 78 -17.24 -18.38 15.87
N VAL B 79 -18.24 -19.25 16.10
CA VAL B 79 -18.81 -19.38 17.44
C VAL B 79 -17.96 -20.29 18.32
N THR B 80 -17.73 -19.84 19.55
CA THR B 80 -17.10 -20.64 20.59
C THR B 80 -18.03 -21.79 21.03
N SER B 81 -17.48 -22.70 21.82
CA SER B 81 -18.28 -23.84 22.24
C SER B 81 -19.35 -23.42 23.24
N ARG B 82 -20.34 -24.30 23.42
CA ARG B 82 -21.41 -24.01 24.36
C ARG B 82 -20.86 -23.81 25.76
N ALA B 83 -19.93 -24.67 26.19
CA ALA B 83 -19.37 -24.55 27.53
C ALA B 83 -18.65 -23.22 27.71
N ASP B 84 -17.93 -22.80 26.67
CA ASP B 84 -17.17 -21.55 26.80
C ASP B 84 -18.07 -20.33 26.71
N TRP B 85 -19.16 -20.41 25.94
CA TRP B 85 -20.17 -19.36 25.97
C TRP B 85 -20.67 -19.16 27.38
N ASP B 86 -21.03 -20.24 28.07
CA ASP B 86 -21.51 -20.12 29.44
C ASP B 86 -20.42 -19.59 30.37
N ASN B 87 -19.19 -20.02 30.16
N ASN B 87 -19.19 -20.05 30.19
CA ASN B 87 -18.09 -19.62 31.06
CA ASN B 87 -18.11 -19.61 31.07
C ASN B 87 -17.82 -18.12 30.91
C ASN B 87 -17.87 -18.11 30.92
N VAL B 88 -17.88 -17.62 29.69
CA VAL B 88 -17.74 -16.18 29.44
C VAL B 88 -18.88 -15.42 30.09
N ASN B 89 -20.13 -15.84 29.86
CA ASN B 89 -21.25 -15.10 30.42
C ASN B 89 -21.21 -15.07 31.95
N ALA B 90 -20.87 -16.20 32.58
CA ALA B 90 -20.78 -16.22 34.03
C ALA B 90 -19.70 -15.26 34.51
N ALA B 91 -18.53 -15.29 33.85
CA ALA B 91 -17.44 -14.42 34.28
C ALA B 91 -17.80 -12.96 34.11
N LEU B 92 -18.48 -12.61 33.03
CA LEU B 92 -18.90 -11.22 32.83
C LEU B 92 -19.96 -10.83 33.85
N GLY B 93 -20.91 -11.73 34.14
CA GLY B 93 -21.89 -11.44 35.17
C GLY B 93 -21.23 -11.12 36.51
N ARG B 94 -20.17 -11.86 36.87
CA ARG B 94 -19.50 -11.58 38.13
C ARG B 94 -18.83 -10.21 38.10
N VAL B 95 -18.26 -9.83 36.96
CA VAL B 95 -17.67 -8.50 36.81
C VAL B 95 -18.74 -7.42 37.01
N ILE B 96 -19.88 -7.59 36.33
CA ILE B 96 -20.97 -6.63 36.44
C ILE B 96 -21.40 -6.48 37.90
N ALA B 97 -21.53 -7.59 38.62
CA ALA B 97 -21.96 -7.53 40.01
C ALA B 97 -20.93 -6.84 40.92
N SER B 98 -19.69 -6.69 40.47
CA SER B 98 -18.65 -6.10 41.29
C SER B 98 -18.63 -4.58 41.23
N VAL B 99 -19.46 -3.96 40.39
CA VAL B 99 -19.55 -2.50 40.36
C VAL B 99 -21.00 -2.11 40.64
N PRO B 100 -21.21 -0.86 41.08
CA PRO B 100 -22.58 -0.42 41.32
C PRO B 100 -23.39 -0.27 40.04
N GLU B 101 -24.70 -0.39 40.21
CA GLU B 101 -25.66 -0.32 39.12
C GLU B 101 -25.48 0.94 38.27
N ASN B 102 -25.21 2.09 38.91
CA ASN B 102 -25.17 3.33 38.14
C ASN B 102 -24.04 3.30 37.11
N MET B 103 -22.92 2.65 37.45
CA MET B 103 -21.80 2.60 36.51
C MET B 103 -22.16 1.78 35.28
N VAL B 104 -22.91 0.68 35.48
CA VAL B 104 -23.38 -0.15 34.38
C VAL B 104 -24.38 0.62 33.53
N MET B 105 -25.37 1.25 34.17
CA MET B 105 -26.36 2.02 33.41
C MET B 105 -25.71 3.19 32.67
N ASP B 106 -24.67 3.79 33.24
CA ASP B 106 -23.98 4.87 32.55
C ASP B 106 -23.35 4.40 31.25
N VAL B 107 -22.80 3.18 31.22
CA VAL B 107 -22.28 2.63 29.97
C VAL B 107 -23.41 2.44 28.97
N TYR B 108 -24.49 1.80 29.41
CA TYR B 108 -25.64 1.59 28.53
C TYR B 108 -26.13 2.90 27.95
N ASP B 109 -26.32 3.93 28.79
CA ASP B 109 -26.86 5.19 28.29
C ASP B 109 -25.92 5.84 27.29
N SER B 110 -24.61 5.81 27.58
N SER B 110 -24.62 5.82 27.57
CA SER B 110 -23.66 6.50 26.69
CA SER B 110 -23.67 6.49 26.69
C SER B 110 -23.45 5.75 25.37
C SER B 110 -23.52 5.75 25.36
N VAL B 111 -23.51 4.42 25.38
CA VAL B 111 -23.45 3.67 24.12
C VAL B 111 -24.74 3.87 23.34
N SER B 112 -25.89 3.85 24.02
N SER B 112 -25.89 3.90 24.03
CA SER B 112 -27.15 4.10 23.34
CA SER B 112 -27.13 4.08 23.29
C SER B 112 -27.04 5.36 22.49
C SER B 112 -27.15 5.40 22.55
N LYS B 113 -26.48 6.42 23.07
CA LYS B 113 -26.47 7.72 22.40
C LYS B 113 -25.75 7.68 21.06
N ILE B 114 -24.76 6.79 20.89
CA ILE B 114 -24.05 6.70 19.62
C ILE B 114 -24.54 5.58 18.73
N THR B 115 -25.52 4.80 19.17
CA THR B 115 -25.99 3.67 18.38
C THR B 115 -27.21 4.10 17.55
N ASP B 116 -27.09 3.96 16.23
CA ASP B 116 -28.21 4.30 15.35
C ASP B 116 -29.42 3.45 15.74
N PRO B 117 -30.61 4.05 15.84
CA PRO B 117 -31.78 3.28 16.28
C PRO B 117 -32.08 2.05 15.45
N LYS B 118 -31.60 1.99 14.20
CA LYS B 118 -31.88 0.88 13.30
C LYS B 118 -30.90 -0.27 13.46
N VAL B 119 -29.87 -0.11 14.28
CA VAL B 119 -28.88 -1.18 14.45
C VAL B 119 -29.51 -2.46 14.99
N PRO B 120 -30.28 -2.44 16.07
CA PRO B 120 -30.82 -3.72 16.58
C PRO B 120 -31.59 -4.49 15.52
N ALA B 121 -32.47 -3.80 14.79
CA ALA B 121 -33.24 -4.48 13.75
C ALA B 121 -32.34 -5.07 12.66
N TYR B 122 -31.26 -4.38 12.29
CA TYR B 122 -30.39 -4.94 11.25
C TYR B 122 -29.69 -6.20 11.76
N MET B 123 -29.15 -6.14 12.98
CA MET B 123 -28.53 -7.33 13.56
C MET B 123 -29.52 -8.48 13.63
N LYS B 124 -30.74 -8.21 14.12
CA LYS B 124 -31.73 -9.28 14.23
C LYS B 124 -32.06 -9.85 12.87
N SER B 125 -32.06 -9.00 11.83
CA SER B 125 -32.42 -9.46 10.49
C SER B 125 -31.45 -10.51 9.95
N LEU B 126 -30.24 -10.57 10.50
CA LEU B 126 -29.24 -11.52 10.03
C LEU B 126 -29.34 -12.88 10.70
N VAL B 127 -30.23 -13.04 11.68
CA VAL B 127 -30.35 -14.27 12.45
C VAL B 127 -31.81 -14.68 12.49
N ASN B 128 -32.05 -15.85 13.05
CA ASN B 128 -33.41 -16.30 13.29
C ASN B 128 -34.04 -15.46 14.40
N GLY B 129 -35.13 -14.77 14.07
CA GLY B 129 -35.70 -13.81 14.99
C GLY B 129 -36.16 -14.43 16.30
N ALA B 130 -36.78 -15.62 16.23
CA ALA B 130 -37.25 -16.28 17.45
C ALA B 130 -36.08 -16.63 18.36
N ASP B 131 -34.95 -17.04 17.79
CA ASP B 131 -33.79 -17.33 18.62
C ASP B 131 -33.23 -16.07 19.25
N ALA B 132 -33.23 -14.95 18.54
CA ALA B 132 -32.80 -13.70 19.16
C ALA B 132 -33.73 -13.30 20.30
N GLU B 133 -35.05 -13.48 20.11
CA GLU B 133 -36.02 -13.12 21.15
C GLU B 133 -35.81 -14.01 22.38
N LYS B 134 -35.56 -15.29 22.16
CA LYS B 134 -35.29 -16.21 23.26
C LYS B 134 -34.03 -15.83 24.00
N ALA B 135 -32.99 -15.41 23.26
CA ALA B 135 -31.74 -14.99 23.89
C ALA B 135 -31.94 -13.75 24.75
N TYR B 136 -32.72 -12.78 24.26
CA TYR B 136 -32.94 -11.57 25.04
C TYR B 136 -33.77 -11.85 26.29
N GLU B 137 -34.80 -12.69 26.17
CA GLU B 137 -35.52 -13.09 27.37
C GLU B 137 -34.58 -13.76 28.36
N GLY B 138 -33.65 -14.57 27.87
CA GLY B 138 -32.65 -15.16 28.74
C GLY B 138 -31.75 -14.14 29.42
N PHE B 139 -31.31 -13.13 28.67
CA PHE B 139 -30.53 -12.04 29.25
C PHE B 139 -31.29 -11.34 30.36
N LEU B 140 -32.58 -11.08 30.14
CA LEU B 140 -33.36 -10.39 31.16
C LEU B 140 -33.44 -11.21 32.45
N ALA B 141 -33.59 -12.53 32.34
CA ALA B 141 -33.57 -13.35 33.54
C ALA B 141 -32.20 -13.36 34.20
N PHE B 142 -31.14 -13.42 33.38
CA PHE B 142 -29.79 -13.49 33.91
C PHE B 142 -29.43 -12.22 34.68
N LYS B 143 -29.77 -11.06 34.14
CA LYS B 143 -29.39 -9.82 34.79
C LYS B 143 -30.10 -9.64 36.12
N ASP B 144 -31.26 -10.29 36.30
CA ASP B 144 -31.90 -10.27 37.61
C ASP B 144 -31.08 -11.00 38.65
N VAL B 145 -30.45 -12.12 38.26
CA VAL B 145 -29.58 -12.84 39.19
C VAL B 145 -28.33 -12.02 39.48
N VAL B 146 -27.76 -11.40 38.46
CA VAL B 146 -26.59 -10.54 38.64
C VAL B 146 -26.91 -9.41 39.62
N LYS B 147 -28.08 -8.79 39.47
CA LYS B 147 -28.39 -7.65 40.32
C LYS B 147 -28.48 -8.08 41.79
N LYS B 148 -28.97 -9.29 42.06
CA LYS B 148 -29.12 -9.75 43.44
C LYS B 148 -27.79 -9.72 44.20
N SER B 149 -26.69 -9.95 43.48
CA SER B 149 -25.33 -10.04 44.03
C SER B 149 -24.54 -8.76 43.86
N GLN B 150 -25.15 -7.72 43.33
CA GLN B 150 -24.40 -6.53 42.92
C GLN B 150 -24.09 -5.62 44.10
N VAL B 151 -22.85 -5.11 44.15
CA VAL B 151 -22.43 -4.20 45.22
C VAL B 151 -23.18 -2.88 45.12
N THR B 152 -23.22 -2.15 46.23
CA THR B 152 -23.92 -0.87 46.24
C THR B 152 -22.98 0.34 46.19
N SER B 153 -21.68 0.14 46.37
CA SER B 153 -20.73 1.24 46.33
C SER B 153 -19.48 0.78 45.62
N ALA B 154 -18.76 1.74 45.05
CA ALA B 154 -17.58 1.44 44.27
C ALA B 154 -16.37 1.30 45.17
N ALA B 155 -15.54 0.31 44.85
CA ALA B 155 -14.27 0.18 45.53
C ALA B 155 -13.41 1.42 45.26
N GLY B 156 -12.42 1.62 46.12
CA GLY B 156 -11.58 2.80 46.06
C GLY B 156 -10.58 2.75 44.93
N PRO B 157 -9.91 3.88 44.70
CA PRO B 157 -8.93 3.95 43.61
C PRO B 157 -7.61 3.26 43.94
N ALA B 158 -6.75 3.23 42.94
CA ALA B 158 -5.45 2.61 43.07
C ALA B 158 -4.44 3.62 43.60
N THR B 159 -3.34 3.09 44.15
CA THR B 159 -2.21 3.93 44.52
C THR B 159 -1.42 4.35 43.27
N VAL B 160 -1.12 5.64 43.18
CA VAL B 160 -0.38 6.24 42.07
C VAL B 160 1.07 6.41 42.51
N PRO B 161 2.02 5.61 42.01
CA PRO B 161 3.42 5.81 42.39
C PRO B 161 3.93 7.16 41.90
N SER B 162 4.96 7.64 42.55
CA SER B 162 5.57 8.89 42.14
C SER B 162 7.07 8.73 42.25
N GLY B 163 7.79 9.17 41.22
CA GLY B 163 9.23 9.23 41.24
C GLY B 163 9.95 7.91 41.07
N ASP B 164 9.24 6.84 40.72
CA ASP B 164 9.93 5.60 40.39
C ASP B 164 10.65 5.76 39.06
N LYS B 165 11.49 4.80 38.71
CA LYS B 165 12.28 4.94 37.49
C LYS B 165 11.40 5.08 36.25
N ILE B 166 10.32 4.30 36.18
CA ILE B 166 9.41 4.38 35.03
C ILE B 166 8.75 5.75 34.96
N GLY B 167 8.33 6.30 36.11
CA GLY B 167 7.69 7.61 36.11
C GLY B 167 8.63 8.70 35.64
N VAL B 168 9.87 8.67 36.12
CA VAL B 168 10.84 9.65 35.68
C VAL B 168 11.10 9.52 34.19
N ALA B 169 11.26 8.30 33.71
CA ALA B 169 11.49 8.10 32.29
C ALA B 169 10.29 8.51 31.44
N ALA B 170 9.09 8.32 31.97
CA ALA B 170 7.88 8.71 31.24
C ALA B 170 7.80 10.21 31.06
N GLN B 171 8.32 10.99 32.01
N GLN B 171 8.34 11.00 31.99
CA GLN B 171 8.36 12.44 31.82
CA GLN B 171 8.33 12.45 31.80
C GLN B 171 9.14 12.79 30.55
C GLN B 171 9.17 12.83 30.58
N GLN B 172 10.30 12.16 30.39
CA GLN B 172 11.14 12.45 29.23
C GLN B 172 10.50 11.97 27.95
N LEU B 173 9.94 10.76 27.97
CA LEU B 173 9.24 10.27 26.77
C LEU B 173 8.12 11.21 26.39
N SER B 174 7.37 11.68 27.38
CA SER B 174 6.18 12.46 27.11
C SER B 174 6.54 13.84 26.57
N GLU B 175 7.57 14.47 27.13
CA GLU B 175 8.02 15.76 26.62
C GLU B 175 8.46 15.63 25.17
N ALA B 176 9.19 14.57 24.85
CA ALA B 176 9.72 14.40 23.51
C ALA B 176 8.64 14.08 22.50
N SER B 177 7.59 13.40 22.92
CA SER B 177 6.58 12.88 22.01
C SER B 177 5.26 13.64 22.00
N TYR B 178 5.07 14.62 22.88
CA TYR B 178 3.82 15.37 22.85
C TYR B 178 3.61 16.12 21.56
N PRO B 179 4.63 16.68 20.89
CA PRO B 179 4.34 17.30 19.59
C PRO B 179 3.72 16.33 18.61
N PHE B 180 4.25 15.11 18.52
CA PHE B 180 3.66 14.07 17.67
C PHE B 180 2.23 13.78 18.10
N LEU B 181 2.00 13.60 19.40
CA LEU B 181 0.66 13.29 19.88
C LEU B 181 -0.32 14.35 19.44
N LYS B 182 0.08 15.62 19.52
CA LYS B 182 -0.80 16.72 19.13
C LYS B 182 -1.12 16.76 17.63
N GLU B 183 -0.25 16.21 16.78
N GLU B 183 -0.21 16.22 16.80
CA GLU B 183 -0.42 16.25 15.34
CA GLU B 183 -0.39 16.22 15.34
C GLU B 183 -1.22 15.07 14.79
C GLU B 183 -1.42 15.18 14.90
N ILE B 184 -1.49 14.06 15.61
CA ILE B 184 -2.31 12.94 15.17
C ILE B 184 -3.76 13.38 15.09
N ASP B 185 -4.47 12.91 14.07
CA ASP B 185 -5.90 13.20 13.91
C ASP B 185 -6.69 12.20 14.73
N TRP B 186 -7.00 12.57 15.97
CA TRP B 186 -7.70 11.66 16.87
C TRP B 186 -9.15 11.44 16.49
N LEU B 187 -9.70 12.25 15.60
CA LEU B 187 -11.09 12.20 15.21
C LEU B 187 -11.29 11.52 13.88
N SER B 188 -10.24 10.88 13.36
CA SER B 188 -10.31 10.24 12.07
C SER B 188 -11.02 8.89 12.14
N ASP B 189 -11.57 8.47 11.00
CA ASP B 189 -12.11 7.13 10.85
C ASP B 189 -11.07 6.10 10.40
N VAL B 190 -9.80 6.50 10.23
CA VAL B 190 -8.81 5.59 9.65
C VAL B 190 -8.56 4.40 10.55
N TYR B 191 -8.77 4.55 11.87
CA TYR B 191 -8.41 3.51 12.83
C TYR B 191 -9.36 2.33 12.72
N MET B 192 -10.50 2.54 12.06
CA MET B 192 -11.47 1.49 11.78
C MET B 192 -11.39 0.99 10.34
N LYS B 193 -10.32 1.29 9.60
CA LYS B 193 -10.13 0.65 8.31
C LYS B 193 -9.45 -0.69 8.55
N PRO B 194 -9.88 -1.73 7.87
CA PRO B 194 -9.41 -3.07 8.20
C PRO B 194 -7.98 -3.32 7.78
N LEU B 195 -7.44 -4.38 8.37
CA LEU B 195 -6.08 -4.78 8.13
C LEU B 195 -6.00 -5.58 6.84
N PRO B 196 -5.26 -5.12 5.83
CA PRO B 196 -5.28 -5.81 4.54
C PRO B 196 -4.84 -7.27 4.65
N GLY B 197 -5.61 -8.16 4.03
CA GLY B 197 -5.22 -9.55 3.97
C GLY B 197 -5.39 -10.36 5.24
N VAL B 198 -6.06 -9.84 6.26
CA VAL B 198 -6.12 -10.49 7.57
C VAL B 198 -7.57 -10.88 7.87
N SER B 199 -7.82 -12.16 8.07
CA SER B 199 -9.18 -12.59 8.39
C SER B 199 -9.52 -12.26 9.84
N ALA B 200 -10.82 -12.28 10.14
CA ALA B 200 -11.23 -12.07 11.53
C ALA B 200 -10.61 -13.10 12.46
N GLN B 201 -10.48 -14.35 12.02
CA GLN B 201 -9.90 -15.36 12.89
C GLN B 201 -8.41 -15.12 13.12
N GLN B 202 -7.70 -14.58 12.12
CA GLN B 202 -6.30 -14.20 12.32
C GLN B 202 -6.17 -13.01 13.25
N SER B 203 -7.01 -11.99 13.07
N SER B 203 -7.03 -12.01 13.11
CA SER B 203 -7.02 -10.88 14.01
CA SER B 203 -6.96 -10.87 14.03
C SER B 203 -7.29 -11.38 15.42
C SER B 203 -7.43 -11.24 15.43
N LEU B 204 -8.27 -12.27 15.56
CA LEU B 204 -8.65 -12.78 16.88
C LEU B 204 -7.46 -13.43 17.59
N LYS B 205 -6.60 -14.14 16.84
CA LYS B 205 -5.45 -14.77 17.46
C LYS B 205 -4.44 -13.73 17.95
N ALA B 206 -4.37 -12.55 17.30
CA ALA B 206 -3.52 -11.47 17.82
C ALA B 206 -4.13 -10.81 19.07
N ILE B 207 -5.43 -10.52 19.01
CA ILE B 207 -6.14 -10.01 20.18
C ILE B 207 -5.97 -10.95 21.37
N ASP B 208 -6.01 -12.26 21.11
CA ASP B 208 -5.82 -13.24 22.18
C ASP B 208 -4.54 -12.97 22.96
N LYS B 209 -3.45 -12.61 22.29
CA LYS B 209 -2.21 -12.36 23.02
C LYS B 209 -2.34 -11.18 23.98
N MET B 210 -3.11 -10.16 23.60
CA MET B 210 -3.35 -9.02 24.49
C MET B 210 -4.28 -9.41 25.63
N ILE B 211 -5.28 -10.25 25.37
CA ILE B 211 -6.14 -10.74 26.45
C ILE B 211 -5.33 -11.53 27.48
N VAL B 212 -4.44 -12.41 26.99
CA VAL B 212 -3.55 -13.18 27.86
C VAL B 212 -2.67 -12.26 28.68
N MET B 213 -2.11 -11.23 28.04
CA MET B 213 -1.27 -10.29 28.76
C MET B 213 -2.07 -9.55 29.85
N GLY B 214 -3.29 -9.13 29.52
CA GLY B 214 -4.13 -8.50 30.52
C GLY B 214 -4.38 -9.40 31.71
N ALA B 215 -4.62 -10.70 31.46
CA ALA B 215 -4.86 -11.64 32.54
C ALA B 215 -3.64 -11.81 33.43
N GLN B 216 -2.45 -11.60 32.88
N GLN B 216 -2.44 -11.61 32.88
CA GLN B 216 -1.23 -11.78 33.66
CA GLN B 216 -1.22 -11.77 33.67
C GLN B 216 -0.77 -10.52 34.37
C GLN B 216 -0.83 -10.51 34.42
N ALA B 217 -1.21 -9.35 33.91
CA ALA B 217 -0.72 -8.09 34.43
C ALA B 217 -1.19 -7.85 35.86
N ASP B 218 -0.47 -6.97 36.54
CA ASP B 218 -0.82 -6.62 37.91
CA ASP B 218 -0.81 -6.60 37.91
C ASP B 218 -2.14 -5.86 37.93
N GLY B 219 -3.09 -6.35 38.73
CA GLY B 219 -4.42 -5.75 38.76
C GLY B 219 -4.44 -4.31 39.23
N ASN B 220 -3.59 -3.98 40.21
CA ASN B 220 -3.52 -2.60 40.68
C ASN B 220 -2.91 -1.68 39.60
N ALA B 221 -1.86 -2.15 38.93
CA ALA B 221 -1.30 -1.39 37.81
C ALA B 221 -2.32 -1.17 36.71
N LEU B 222 -3.09 -2.20 36.35
N LEU B 222 -3.10 -2.19 36.38
CA LEU B 222 -4.14 -2.02 35.33
CA LEU B 222 -4.12 -2.02 35.35
C LEU B 222 -5.15 -0.97 35.80
C LEU B 222 -5.18 -1.01 35.79
N LYS B 223 -5.60 -1.10 37.05
CA LYS B 223 -6.57 -0.16 37.60
CA LYS B 223 -6.57 -0.16 37.59
C LYS B 223 -6.03 1.27 37.55
N ALA B 224 -4.78 1.45 37.97
CA ALA B 224 -4.19 2.79 37.93
C ALA B 224 -4.11 3.31 36.52
N ALA B 225 -3.82 2.43 35.55
CA ALA B 225 -3.72 2.87 34.16
C ALA B 225 -5.09 3.25 33.63
N ALA B 226 -6.14 2.52 34.00
CA ALA B 226 -7.48 2.93 33.62
C ALA B 226 -7.80 4.30 34.20
N GLU B 227 -7.49 4.49 35.48
CA GLU B 227 -7.77 5.78 36.12
C GLU B 227 -7.02 6.91 35.44
N ALA B 228 -5.76 6.67 35.02
CA ALA B 228 -5.03 7.72 34.31
C ALA B 228 -5.69 8.09 32.99
N HIS B 229 -6.28 7.11 32.28
CA HIS B 229 -6.97 7.43 31.04
C HIS B 229 -8.26 8.19 31.31
N HIS B 230 -8.97 7.84 32.37
CA HIS B 230 -10.16 8.63 32.73
C HIS B 230 -9.78 10.08 32.99
N LYS B 231 -8.71 10.31 33.75
CA LYS B 231 -8.27 11.69 33.98
C LYS B 231 -7.89 12.37 32.67
N ALA B 232 -7.17 11.65 31.79
CA ALA B 232 -6.73 12.25 30.54
C ALA B 232 -7.91 12.65 29.66
N ILE B 233 -8.96 11.84 29.64
CA ILE B 233 -10.14 12.21 28.86
C ILE B 233 -10.70 13.53 29.38
N GLY B 234 -10.61 13.76 30.69
CA GLY B 234 -11.18 14.97 31.26
C GLY B 234 -10.51 16.25 30.80
N SER B 235 -9.26 16.18 30.35
CA SER B 235 -8.50 17.38 30.01
C SER B 235 -8.35 17.61 28.50
N ILE B 236 -9.10 16.87 27.68
CA ILE B 236 -8.95 17.03 26.24
C ILE B 236 -9.35 18.42 25.76
N ASP B 237 -8.69 18.87 24.69
CA ASP B 237 -9.07 20.09 23.99
C ASP B 237 -10.11 19.76 22.91
N ALA B 238 -10.43 20.75 22.07
CA ALA B 238 -11.49 20.58 21.08
C ALA B 238 -11.10 19.59 19.98
N THR B 239 -9.82 19.28 19.85
CA THR B 239 -9.40 18.26 18.89
C THR B 239 -9.22 16.90 19.54
N GLY B 240 -9.55 16.77 20.81
CA GLY B 240 -9.42 15.52 21.52
C GLY B 240 -8.07 15.25 22.15
N VAL B 241 -7.15 16.21 22.15
CA VAL B 241 -5.81 16.00 22.68
C VAL B 241 -5.78 16.33 24.18
N THR B 242 -5.35 15.37 25.00
CA THR B 242 -5.23 15.52 26.44
C THR B 242 -4.07 16.45 26.79
N SER B 243 -4.02 16.85 28.05
CA SER B 243 -2.96 17.75 28.47
C SER B 243 -1.61 17.01 28.55
N ALA B 244 -0.53 17.80 28.51
CA ALA B 244 0.81 17.22 28.58
C ALA B 244 1.01 16.45 29.86
N ALA B 245 0.50 16.98 30.98
CA ALA B 245 0.66 16.32 32.27
C ALA B 245 -0.11 15.00 32.31
N ASP B 246 -1.33 14.99 31.80
CA ASP B 246 -2.11 13.75 31.86
C ASP B 246 -1.56 12.71 30.90
N TYR B 247 -1.01 13.16 29.77
CA TYR B 247 -0.32 12.26 28.86
C TYR B 247 0.86 11.58 29.54
N ALA B 248 1.68 12.37 30.26
CA ALA B 248 2.81 11.79 30.97
C ALA B 248 2.36 10.75 31.98
N ALA B 249 1.26 11.01 32.70
CA ALA B 249 0.78 10.05 33.67
C ALA B 249 0.26 8.77 33.01
N VAL B 250 -0.34 8.89 31.81
CA VAL B 250 -0.71 7.71 31.04
C VAL B 250 0.52 6.90 30.68
N ASN B 251 1.56 7.55 30.16
CA ASN B 251 2.76 6.82 29.77
C ASN B 251 3.40 6.11 30.95
N ALA B 252 3.46 6.78 32.11
CA ALA B 252 4.02 6.15 33.30
C ALA B 252 3.18 4.95 33.68
N ALA B 253 1.86 5.12 33.70
CA ALA B 253 1.00 4.02 34.12
C ALA B 253 1.10 2.83 33.16
N LEU B 254 1.17 3.10 31.86
CA LEU B 254 1.28 1.99 30.92
C LEU B 254 2.63 1.31 31.02
N GLY B 255 3.70 2.07 31.22
CA GLY B 255 4.99 1.44 31.46
C GLY B 255 4.96 0.47 32.64
N ARG B 256 4.29 0.85 33.72
CA ARG B 256 4.19 -0.05 34.86
C ARG B 256 3.40 -1.30 34.52
N VAL B 257 2.36 -1.17 33.69
CA VAL B 257 1.63 -2.36 33.22
C VAL B 257 2.56 -3.28 32.44
N ILE B 258 3.32 -2.72 31.49
CA ILE B 258 4.25 -3.51 30.69
C ILE B 258 5.23 -4.27 31.59
N ALA B 259 5.77 -3.57 32.60
CA ALA B 259 6.77 -4.18 33.47
C ALA B 259 6.18 -5.17 34.46
N SER B 260 4.86 -5.33 34.51
CA SER B 260 4.18 -6.26 35.42
C SER B 260 3.94 -7.64 34.78
N VAL B 261 4.38 -7.84 33.55
CA VAL B 261 4.37 -9.15 32.91
C VAL B 261 5.77 -9.40 32.37
N PRO B 262 6.17 -10.64 32.17
CA PRO B 262 7.53 -10.88 31.66
C PRO B 262 7.67 -10.45 30.19
N LYS B 263 8.93 -10.28 29.79
CA LYS B 263 9.23 -9.88 28.42
CA LYS B 263 9.23 -9.89 28.42
C LYS B 263 8.54 -10.78 27.39
N SER B 264 8.53 -12.10 27.63
CA SER B 264 7.96 -13.03 26.65
C SER B 264 6.48 -12.76 26.40
N THR B 265 5.74 -12.38 27.43
CA THR B 265 4.32 -12.05 27.27
C THR B 265 4.12 -10.84 26.38
N VAL B 266 4.95 -9.82 26.56
CA VAL B 266 4.88 -8.62 25.73
C VAL B 266 5.31 -8.92 24.29
N MET B 267 6.39 -9.70 24.13
CA MET B 267 6.86 -10.03 22.79
C MET B 267 5.87 -10.92 22.05
N ASP B 268 5.10 -11.74 22.76
CA ASP B 268 4.04 -12.48 22.08
C ASP B 268 3.02 -11.53 21.46
N VAL B 269 2.66 -10.45 22.17
CA VAL B 269 1.77 -9.44 21.58
C VAL B 269 2.42 -8.82 20.36
N TYR B 270 3.65 -8.34 20.51
CA TYR B 270 4.32 -7.64 19.43
C TYR B 270 4.42 -8.53 18.19
N ASN B 271 4.88 -9.76 18.37
CA ASN B 271 5.05 -10.65 17.23
C ASN B 271 3.73 -10.98 16.56
N ALA B 272 2.66 -11.16 17.34
CA ALA B 272 1.35 -11.40 16.73
C ALA B 272 0.86 -10.17 15.97
N MET B 273 1.05 -8.98 16.54
CA MET B 273 0.66 -7.76 15.84
C MET B 273 1.50 -7.55 14.58
N ALA B 274 2.79 -7.88 14.63
CA ALA B 274 3.62 -7.74 13.43
C ALA B 274 3.10 -8.64 12.32
N GLY B 275 2.52 -9.78 12.68
CA GLY B 275 1.99 -10.68 11.68
C GLY B 275 0.70 -10.23 11.03
N VAL B 276 -0.03 -9.29 11.65
CA VAL B 276 -1.28 -8.80 11.07
C VAL B 276 -1.21 -7.35 10.61
N THR B 277 -0.08 -6.65 10.76
CA THR B 277 0.00 -5.23 10.44
C THR B 277 0.77 -5.05 9.14
N ASP B 278 0.06 -4.74 8.07
CA ASP B 278 0.71 -4.41 6.80
C ASP B 278 1.73 -3.31 6.99
N THR B 279 2.86 -3.43 6.31
CA THR B 279 3.91 -2.43 6.51
C THR B 279 3.55 -1.04 5.95
N SER B 280 2.49 -0.95 5.13
CA SER B 280 2.03 0.37 4.72
C SER B 280 1.24 1.10 5.78
N ILE B 281 0.78 0.43 6.84
CA ILE B 281 0.01 1.10 7.88
C ILE B 281 0.89 2.06 8.67
N PRO B 282 2.05 1.65 9.19
CA PRO B 282 2.92 2.66 9.84
C PRO B 282 3.29 3.77 8.88
N LEU B 283 3.55 3.46 7.61
CA LEU B 283 3.90 4.51 6.65
C LEU B 283 2.75 5.49 6.46
N ASN B 284 1.53 4.98 6.35
CA ASN B 284 0.39 5.86 6.18
C ASN B 284 0.24 6.78 7.39
N MET B 285 0.41 6.24 8.59
CA MET B 285 0.31 7.07 9.79
C MET B 285 1.43 8.11 9.84
N PHE B 286 2.67 7.68 9.60
CA PHE B 286 3.81 8.60 9.58
C PHE B 286 3.60 9.71 8.58
N SER B 287 3.01 9.39 7.43
CA SER B 287 2.87 10.37 6.36
C SER B 287 1.93 11.51 6.70
N LYS B 288 1.08 11.33 7.71
CA LYS B 288 0.10 12.34 8.07
C LYS B 288 0.60 13.31 9.12
N VAL B 289 1.82 13.14 9.62
CA VAL B 289 2.34 13.99 10.67
C VAL B 289 3.69 14.56 10.27
N ASN B 290 4.21 15.45 11.10
CA ASN B 290 5.55 16.00 10.88
C ASN B 290 6.58 14.89 11.07
N PRO B 291 7.42 14.62 10.07
CA PRO B 291 8.33 13.47 10.17
C PRO B 291 9.40 13.63 11.23
N LEU B 292 9.78 14.86 11.52
CA LEU B 292 10.76 15.10 12.57
C LEU B 292 10.17 14.80 13.94
N ASP B 293 8.93 15.23 14.14
CA ASP B 293 8.28 14.97 15.42
C ASP B 293 8.02 13.48 15.61
N ALA B 294 7.68 12.77 14.54
CA ALA B 294 7.50 11.32 14.67
C ALA B 294 8.81 10.62 15.00
N ASN B 295 9.91 10.99 14.34
CA ASN B 295 11.20 10.40 14.69
C ASN B 295 11.66 10.79 16.09
N ALA B 296 11.35 12.01 16.56
CA ALA B 296 11.69 12.37 17.92
C ALA B 296 10.93 11.50 18.91
N ALA B 297 9.66 11.26 18.64
CA ALA B 297 8.84 10.40 19.50
C ALA B 297 9.37 8.97 19.51
N ALA B 298 9.71 8.45 18.32
CA ALA B 298 10.17 7.07 18.25
C ALA B 298 11.50 6.90 18.95
N LYS B 299 12.45 7.82 18.75
CA LYS B 299 13.73 7.71 19.46
C LYS B 299 13.51 7.75 20.96
N ALA B 300 12.61 8.62 21.42
CA ALA B 300 12.30 8.68 22.84
C ALA B 300 11.65 7.39 23.33
N PHE B 301 10.79 6.77 22.50
CA PHE B 301 10.18 5.51 22.89
C PHE B 301 11.23 4.41 23.07
N TYR B 302 12.16 4.30 22.12
CA TYR B 302 13.16 3.25 22.22
C TYR B 302 14.11 3.46 23.40
N THR B 303 14.27 4.71 23.85
CA THR B 303 15.01 4.98 25.10
C THR B 303 14.16 4.61 26.32
N PHE B 304 12.89 5.01 26.33
CA PHE B 304 11.98 4.70 27.44
C PHE B 304 11.86 3.21 27.66
N LYS B 305 11.72 2.44 26.58
CA LYS B 305 11.50 1.01 26.76
CA LYS B 305 11.50 1.01 26.76
C LYS B 305 12.68 0.33 27.43
N ASP B 306 13.87 0.92 27.36
CA ASP B 306 15.01 0.34 28.08
C ASP B 306 14.81 0.43 29.59
N VAL B 307 14.19 1.51 30.07
CA VAL B 307 13.89 1.64 31.50
C VAL B 307 12.81 0.65 31.89
N VAL B 308 11.77 0.53 31.07
CA VAL B 308 10.73 -0.46 31.33
C VAL B 308 11.33 -1.86 31.33
N GLN B 309 12.19 -2.16 30.37
CA GLN B 309 12.80 -3.48 30.27
C GLN B 309 13.59 -3.83 31.53
N ALA B 310 14.33 -2.86 32.08
CA ALA B 310 15.08 -3.13 33.31
C ALA B 310 14.15 -3.42 34.47
N ALA B 311 13.07 -2.65 34.59
CA ALA B 311 12.12 -2.88 35.67
C ALA B 311 11.41 -4.21 35.53
N GLN B 312 11.08 -4.60 34.30
CA GLN B 312 10.39 -5.83 34.01
C GLN B 312 11.26 -7.03 34.33
N ASP C 1 -12.81 -23.44 -43.92
CA ASP C 1 -13.94 -22.70 -44.55
C ASP C 1 -13.37 -21.39 -45.16
N GLU C 2 -14.26 -20.57 -45.72
CA GLU C 2 -13.82 -19.39 -46.47
C GLU C 2 -13.10 -18.42 -45.55
N ILE C 3 -13.64 -18.17 -44.36
CA ILE C 3 -13.00 -17.25 -43.45
C ILE C 3 -11.68 -17.82 -42.95
N GLY C 4 -11.61 -19.14 -42.70
CA GLY C 4 -10.36 -19.73 -42.24
C GLY C 4 -9.28 -19.64 -43.30
N ASP C 5 -9.65 -19.88 -44.55
CA ASP C 5 -8.69 -19.74 -45.64
C ASP C 5 -8.22 -18.30 -45.76
N ALA C 6 -9.14 -17.35 -45.61
CA ALA C 6 -8.74 -15.95 -45.67
C ALA C 6 -7.84 -15.58 -44.49
N ALA C 7 -8.10 -16.16 -43.32
CA ALA C 7 -7.27 -15.86 -42.17
C ALA C 7 -5.84 -16.32 -42.37
N LYS C 8 -5.62 -17.40 -43.12
CA LYS C 8 -4.24 -17.80 -43.43
C LYS C 8 -3.55 -16.75 -44.29
N LYS C 9 -4.25 -16.21 -45.28
CA LYS C 9 -3.67 -15.12 -46.06
C LYS C 9 -3.45 -13.90 -45.20
N LEU C 10 -4.38 -13.59 -44.29
CA LEU C 10 -4.17 -12.47 -43.39
C LEU C 10 -2.92 -12.68 -42.56
N GLY C 11 -2.67 -13.91 -42.12
CA GLY C 11 -1.49 -14.16 -41.32
C GLY C 11 -0.21 -13.99 -42.09
N ASP C 12 -0.21 -14.41 -43.36
CA ASP C 12 0.96 -14.17 -44.21
C ASP C 12 1.25 -12.67 -44.27
N ALA C 13 0.20 -11.85 -44.32
CA ALA C 13 0.35 -10.40 -44.41
C ALA C 13 0.71 -9.73 -43.09
N SER C 14 0.31 -10.30 -41.93
CA SER C 14 0.28 -9.55 -40.69
C SER C 14 1.11 -10.13 -39.56
N TYR C 15 1.60 -11.36 -39.68
CA TYR C 15 2.29 -11.92 -38.53
C TYR C 15 3.64 -11.25 -38.28
N ALA C 16 4.30 -10.73 -39.32
CA ALA C 16 5.54 -9.99 -39.08
C ALA C 16 5.27 -8.79 -38.18
N PHE C 17 4.19 -8.05 -38.44
CA PHE C 17 3.75 -6.98 -37.56
C PHE C 17 3.44 -7.49 -36.17
N ALA C 18 2.69 -8.59 -36.06
CA ALA C 18 2.37 -9.11 -34.73
C ALA C 18 3.61 -9.43 -33.92
N LYS C 19 4.65 -9.99 -34.55
CA LYS C 19 5.87 -10.32 -33.81
C LYS C 19 6.58 -9.06 -33.31
N GLU C 20 6.40 -7.93 -33.97
N GLU C 20 6.37 -7.94 -33.99
CA GLU C 20 7.11 -6.76 -33.53
CA GLU C 20 7.02 -6.67 -33.67
C GLU C 20 6.33 -5.85 -32.58
C GLU C 20 6.34 -5.94 -32.52
N VAL C 21 5.01 -6.03 -32.44
CA VAL C 21 4.26 -5.31 -31.41
C VAL C 21 4.74 -5.78 -30.04
N ASP C 22 4.91 -4.83 -29.12
CA ASP C 22 5.28 -5.14 -27.75
C ASP C 22 3.98 -5.30 -26.97
N TRP C 23 3.47 -6.54 -26.95
CA TRP C 23 2.17 -6.83 -26.33
C TRP C 23 2.23 -6.71 -24.81
N ASN C 24 3.42 -6.64 -24.23
CA ASN C 24 3.57 -6.49 -22.79
C ASN C 24 3.60 -5.05 -22.34
N ASN C 25 3.42 -4.09 -23.24
CA ASN C 25 3.41 -2.67 -22.87
C ASN C 25 2.19 -2.41 -22.00
N GLY C 26 2.40 -1.77 -20.86
CA GLY C 26 1.29 -1.39 -20.00
C GLY C 26 0.38 -0.34 -20.57
N ILE C 27 0.77 0.32 -21.67
CA ILE C 27 -0.07 1.38 -22.20
C ILE C 27 -1.46 0.89 -22.56
N PHE C 28 -1.60 -0.40 -22.92
CA PHE C 28 -2.88 -0.91 -23.38
C PHE C 28 -3.90 -1.06 -22.27
N LEU C 29 -3.47 -0.93 -21.00
CA LEU C 29 -4.42 -0.82 -19.90
C LEU C 29 -5.12 0.53 -19.90
N GLN C 30 -4.50 1.54 -20.49
CA GLN C 30 -5.01 2.91 -20.44
C GLN C 30 -5.95 3.19 -21.60
N ALA C 31 -6.77 4.21 -21.41
CA ALA C 31 -7.60 4.70 -22.49
C ALA C 31 -6.72 5.17 -23.65
N PRO C 32 -7.25 5.13 -24.89
CA PRO C 32 -6.47 5.54 -26.06
C PRO C 32 -6.47 7.06 -26.26
N GLY C 33 -5.93 7.75 -25.29
CA GLY C 33 -6.04 9.19 -25.17
C GLY C 33 -6.61 9.55 -23.81
N LYS C 34 -7.02 10.79 -23.66
CA LYS C 34 -7.59 11.22 -22.39
C LYS C 34 -8.81 10.36 -22.05
N LEU C 35 -8.90 9.93 -20.79
CA LEU C 35 -10.02 9.10 -20.35
C LEU C 35 -11.30 9.92 -20.34
N GLN C 36 -12.34 9.41 -21.01
CA GLN C 36 -13.65 10.06 -21.10
C GLN C 36 -14.69 9.01 -20.72
N PRO C 37 -14.92 8.77 -19.42
CA PRO C 37 -15.63 7.55 -19.04
C PRO C 37 -17.01 7.41 -19.66
N LEU C 38 -17.83 8.45 -19.63
CA LEU C 38 -19.17 8.32 -20.18
C LEU C 38 -19.19 8.20 -21.70
N GLU C 39 -18.23 8.85 -22.38
CA GLU C 39 -18.12 8.63 -23.83
C GLU C 39 -17.61 7.24 -24.15
N ALA C 40 -16.67 6.72 -23.35
CA ALA C 40 -16.21 5.35 -23.53
C ALA C 40 -17.35 4.37 -23.25
N LEU C 41 -18.19 4.66 -22.25
CA LEU C 41 -19.31 3.78 -21.95
C LEU C 41 -20.23 3.62 -23.15
N LYS C 42 -20.37 4.66 -23.96
CA LYS C 42 -21.16 4.56 -25.19
C LYS C 42 -20.56 3.52 -26.13
N ALA C 43 -19.24 3.48 -26.22
CA ALA C 43 -18.57 2.50 -27.06
C ALA C 43 -18.72 1.09 -26.50
N ILE C 44 -18.50 0.93 -25.20
CA ILE C 44 -18.74 -0.36 -24.58
C ILE C 44 -20.17 -0.82 -24.83
N ASP C 45 -21.14 0.11 -24.73
CA ASP C 45 -22.53 -0.26 -25.00
C ASP C 45 -22.69 -0.83 -26.41
N LYS C 46 -22.07 -0.20 -27.42
CA LYS C 46 -22.17 -0.75 -28.78
C LYS C 46 -21.54 -2.14 -28.85
N MET C 47 -20.47 -2.38 -28.09
CA MET C 47 -19.88 -3.71 -28.07
CA MET C 47 -19.89 -3.71 -28.08
C MET C 47 -20.83 -4.71 -27.41
N ILE C 48 -21.48 -4.30 -26.32
CA ILE C 48 -22.42 -5.16 -25.61
C ILE C 48 -23.58 -5.55 -26.51
N VAL C 49 -24.13 -4.57 -27.25
CA VAL C 49 -25.20 -4.84 -28.21
C VAL C 49 -24.73 -5.86 -29.25
N MET C 50 -23.53 -5.67 -29.78
CA MET C 50 -22.99 -6.59 -30.77
C MET C 50 -22.77 -7.98 -30.21
N GLY C 51 -22.18 -8.07 -29.00
CA GLY C 51 -21.97 -9.37 -28.40
C GLY C 51 -23.28 -10.08 -28.13
N ALA C 52 -24.30 -9.34 -27.70
CA ALA C 52 -25.60 -9.96 -27.47
C ALA C 52 -26.22 -10.47 -28.76
N ALA C 53 -25.89 -9.85 -29.91
CA ALA C 53 -26.44 -10.30 -31.18
C ALA C 53 -25.64 -11.44 -31.79
N ALA C 54 -24.40 -11.62 -31.38
CA ALA C 54 -23.52 -12.57 -32.04
C ALA C 54 -23.93 -14.01 -31.74
N ASP C 55 -23.52 -14.91 -32.62
CA ASP C 55 -23.83 -16.32 -32.44
CA ASP C 55 -23.81 -16.32 -32.46
C ASP C 55 -23.11 -16.85 -31.21
N PRO C 56 -23.83 -17.37 -30.22
CA PRO C 56 -23.14 -17.80 -28.98
C PRO C 56 -22.11 -18.87 -29.19
N LYS C 57 -22.32 -19.81 -30.12
CA LYS C 57 -21.33 -20.86 -30.36
C LYS C 57 -20.05 -20.28 -30.97
N LEU C 58 -20.19 -19.29 -31.85
CA LEU C 58 -19.01 -18.63 -32.41
C LEU C 58 -18.30 -17.77 -31.37
N LEU C 59 -19.04 -17.11 -30.47
CA LEU C 59 -18.36 -16.41 -29.37
C LEU C 59 -17.55 -17.40 -28.54
N LYS C 60 -18.18 -18.52 -28.18
N LYS C 60 -18.15 -18.55 -28.22
N LYS C 60 -18.15 -18.55 -28.23
CA LYS C 60 -17.50 -19.56 -27.44
CA LYS C 60 -17.44 -19.52 -27.38
CA LYS C 60 -17.44 -19.53 -27.40
C LYS C 60 -16.21 -19.95 -28.13
C LYS C 60 -16.21 -20.07 -28.11
C LYS C 60 -16.22 -20.08 -28.11
N ALA C 61 -16.32 -20.31 -29.42
CA ALA C 61 -15.15 -20.76 -30.18
C ALA C 61 -14.07 -19.69 -30.23
N ALA C 62 -14.45 -18.42 -30.33
CA ALA C 62 -13.45 -17.36 -30.31
C ALA C 62 -12.77 -17.26 -28.94
N ALA C 63 -13.53 -17.44 -27.85
CA ALA C 63 -12.90 -17.49 -26.53
C ALA C 63 -11.92 -18.64 -26.45
N GLU C 64 -12.33 -19.83 -26.90
CA GLU C 64 -11.44 -20.97 -26.89
C GLU C 64 -10.16 -20.71 -27.68
N ALA C 65 -10.28 -20.06 -28.85
CA ALA C 65 -9.09 -19.77 -29.65
C ALA C 65 -8.12 -18.89 -28.88
N HIS C 66 -8.63 -17.93 -28.12
CA HIS C 66 -7.77 -17.06 -27.33
C HIS C 66 -7.10 -17.84 -26.18
N HIS C 67 -7.86 -18.71 -25.52
CA HIS C 67 -7.27 -19.57 -24.51
C HIS C 67 -6.10 -20.35 -25.10
N LYS C 68 -6.29 -20.94 -26.27
CA LYS C 68 -5.21 -21.70 -26.88
C LYS C 68 -4.04 -20.78 -27.23
N ALA C 69 -4.31 -19.58 -27.74
CA ALA C 69 -3.24 -18.66 -28.11
C ALA C 69 -2.39 -18.24 -26.91
N ILE C 70 -3.03 -18.08 -25.75
CA ILE C 70 -2.27 -17.72 -24.55
C ILE C 70 -1.22 -18.76 -24.25
N GLY C 71 -1.54 -20.03 -24.51
CA GLY C 71 -0.61 -21.11 -24.23
C GLY C 71 0.64 -21.11 -25.09
N SER C 72 0.60 -20.49 -26.27
CA SER C 72 1.73 -20.55 -27.18
C SER C 72 2.55 -19.26 -27.22
N VAL C 73 2.28 -18.30 -26.33
N VAL C 73 2.26 -18.30 -26.35
CA VAL C 73 3.06 -17.07 -26.28
CA VAL C 73 3.07 -17.08 -26.31
C VAL C 73 4.54 -17.36 -26.03
C VAL C 73 4.54 -17.45 -26.14
N SER C 74 5.41 -16.65 -26.73
CA SER C 74 6.84 -16.83 -26.53
C SER C 74 7.56 -15.55 -26.88
N GLY C 75 8.78 -15.44 -26.39
CA GLY C 75 9.63 -14.32 -26.74
C GLY C 75 9.32 -13.09 -25.92
N PRO C 76 10.14 -12.06 -26.09
CA PRO C 76 10.07 -10.92 -25.18
C PRO C 76 8.88 -10.02 -25.42
N ASN C 77 8.25 -10.10 -26.58
CA ASN C 77 7.11 -9.25 -26.92
C ASN C 77 5.77 -9.89 -26.60
N GLY C 78 5.74 -11.14 -26.17
CA GLY C 78 4.47 -11.76 -25.84
C GLY C 78 3.63 -12.24 -27.01
N VAL C 79 4.23 -12.50 -28.16
CA VAL C 79 3.44 -12.91 -29.32
C VAL C 79 3.11 -14.39 -29.27
N THR C 80 1.85 -14.71 -29.56
CA THR C 80 1.38 -16.07 -29.76
C THR C 80 1.97 -16.65 -31.05
N SER C 81 1.79 -17.95 -31.23
CA SER C 81 2.33 -18.61 -32.42
C SER C 81 1.59 -18.15 -33.69
N ARG C 82 2.25 -18.38 -34.83
CA ARG C 82 1.63 -18.07 -36.12
C ARG C 82 0.31 -18.81 -36.29
N ALA C 83 0.29 -20.11 -35.95
CA ALA C 83 -0.94 -20.90 -36.09
C ALA C 83 -2.06 -20.32 -35.23
N ASP C 84 -1.73 -19.89 -34.00
CA ASP C 84 -2.79 -19.38 -33.14
C ASP C 84 -3.21 -17.97 -33.52
N TRP C 85 -2.30 -17.16 -34.05
CA TRP C 85 -2.69 -15.87 -34.62
C TRP C 85 -3.76 -16.07 -35.69
N ASP C 86 -3.52 -17.01 -36.61
CA ASP C 86 -4.51 -17.29 -37.64
C ASP C 86 -5.81 -17.81 -37.05
N ASN C 87 -5.71 -18.68 -36.04
N ASN C 87 -5.72 -18.71 -36.07
CA ASN C 87 -6.90 -19.31 -35.44
CA ASN C 87 -6.93 -19.28 -35.46
C ASN C 87 -7.75 -18.26 -34.75
C ASN C 87 -7.76 -18.19 -34.83
N VAL C 88 -7.12 -17.30 -34.08
CA VAL C 88 -7.84 -16.19 -33.46
C VAL C 88 -8.51 -15.33 -34.53
N ASN C 89 -7.75 -14.94 -35.57
CA ASN C 89 -8.34 -14.07 -36.57
C ASN C 89 -9.51 -14.73 -37.28
N ALA C 90 -9.39 -16.02 -37.61
CA ALA C 90 -10.51 -16.71 -38.24
C ALA C 90 -11.71 -16.73 -37.31
N ALA C 91 -11.48 -17.05 -36.03
CA ALA C 91 -12.61 -17.13 -35.12
C ALA C 91 -13.28 -15.77 -34.96
N LEU C 92 -12.50 -14.70 -34.91
CA LEU C 92 -13.11 -13.37 -34.80
C LEU C 92 -13.84 -13.00 -36.08
N GLY C 93 -13.28 -13.33 -37.23
CA GLY C 93 -14.00 -13.07 -38.47
C GLY C 93 -15.37 -13.73 -38.50
N ARG C 94 -15.46 -14.99 -38.03
CA ARG C 94 -16.74 -15.66 -37.97
C ARG C 94 -17.70 -14.93 -37.03
N VAL C 95 -17.21 -14.44 -35.90
CA VAL C 95 -18.07 -13.66 -35.00
C VAL C 95 -18.58 -12.41 -35.72
N ILE C 96 -17.68 -11.66 -36.36
CA ILE C 96 -18.07 -10.46 -37.07
C ILE C 96 -19.16 -10.78 -38.10
N ALA C 97 -19.01 -11.88 -38.84
CA ALA C 97 -19.99 -12.21 -39.88
C ALA C 97 -21.34 -12.59 -39.30
N SER C 98 -21.41 -12.89 -37.99
CA SER C 98 -22.66 -13.32 -37.39
C SER C 98 -23.54 -12.16 -36.94
N VAL C 99 -23.08 -10.92 -37.09
CA VAL C 99 -23.90 -9.75 -36.77
C VAL C 99 -23.96 -8.83 -37.97
N PRO C 100 -24.98 -7.99 -38.05
CA PRO C 100 -25.09 -7.09 -39.19
C PRO C 100 -24.00 -6.03 -39.20
N GLU C 101 -23.71 -5.56 -40.41
CA GLU C 101 -22.68 -4.55 -40.63
C GLU C 101 -22.86 -3.33 -39.74
N ASN C 102 -24.09 -2.84 -39.55
CA ASN C 102 -24.27 -1.61 -38.78
C ASN C 102 -23.81 -1.77 -37.34
N MET C 103 -23.93 -2.97 -36.76
CA MET C 103 -23.49 -3.15 -35.37
C MET C 103 -21.99 -3.04 -35.28
N VAL C 104 -21.28 -3.55 -36.29
CA VAL C 104 -19.83 -3.49 -36.33
C VAL C 104 -19.37 -2.06 -36.56
N MET C 105 -20.00 -1.36 -37.51
CA MET C 105 -19.66 0.03 -37.75
C MET C 105 -19.97 0.91 -36.55
N ASP C 106 -21.03 0.60 -35.79
CA ASP C 106 -21.33 1.39 -34.60
C ASP C 106 -20.22 1.27 -33.58
N VAL C 107 -19.59 0.09 -33.45
CA VAL C 107 -18.46 -0.04 -32.54
C VAL C 107 -17.29 0.81 -33.04
N TYR C 108 -16.97 0.69 -34.33
CA TYR C 108 -15.88 1.47 -34.90
C TYR C 108 -16.10 2.96 -34.67
N ASP C 109 -17.30 3.45 -34.97
CA ASP C 109 -17.55 4.87 -34.84
C ASP C 109 -17.42 5.32 -33.39
N SER C 110 -17.95 4.52 -32.45
N SER C 110 -17.97 4.53 -32.45
CA SER C 110 -17.95 4.96 -31.05
CA SER C 110 -17.95 4.96 -31.06
C SER C 110 -16.57 4.86 -30.43
C SER C 110 -16.54 4.91 -30.47
N VAL C 111 -15.76 3.89 -30.83
CA VAL C 111 -14.37 3.85 -30.36
C VAL C 111 -13.56 4.97 -30.99
N SER C 112 -13.77 5.23 -32.29
N SER C 112 -13.80 5.26 -32.27
CA SER C 112 -13.09 6.35 -32.93
CA SER C 112 -13.06 6.34 -32.90
C SER C 112 -13.24 7.62 -32.10
C SER C 112 -13.28 7.67 -32.19
N LYS C 113 -14.46 7.88 -31.61
CA LYS C 113 -14.74 9.13 -30.93
C LYS C 113 -13.90 9.32 -29.68
N ILE C 114 -13.44 8.24 -29.04
CA ILE C 114 -12.63 8.36 -27.82
C ILE C 114 -11.15 8.17 -28.10
N THR C 115 -10.78 7.89 -29.34
CA THR C 115 -9.39 7.59 -29.66
C THR C 115 -8.70 8.87 -30.14
N ASP C 116 -7.64 9.26 -29.45
CA ASP C 116 -6.90 10.45 -29.87
C ASP C 116 -6.40 10.23 -31.29
N PRO C 117 -6.54 11.22 -32.17
CA PRO C 117 -6.10 11.04 -33.56
C PRO C 117 -4.63 10.62 -33.72
N LYS C 118 -3.78 10.89 -32.74
CA LYS C 118 -2.37 10.58 -32.80
C LYS C 118 -2.03 9.15 -32.38
N VAL C 119 -3.01 8.40 -31.88
CA VAL C 119 -2.75 7.03 -31.43
C VAL C 119 -2.22 6.13 -32.54
N PRO C 120 -2.84 6.07 -33.71
CA PRO C 120 -2.29 5.18 -34.75
C PRO C 120 -0.83 5.46 -35.05
N ALA C 121 -0.47 6.73 -35.22
CA ALA C 121 0.91 7.03 -35.57
C ALA C 121 1.86 6.63 -34.44
N TYR C 122 1.46 6.81 -33.18
CA TYR C 122 2.33 6.40 -32.08
C TYR C 122 2.52 4.89 -32.09
N MET C 123 1.44 4.14 -32.25
CA MET C 123 1.57 2.68 -32.33
C MET C 123 2.48 2.27 -33.49
N LYS C 124 2.28 2.85 -34.66
CA LYS C 124 3.09 2.45 -35.80
C LYS C 124 4.54 2.80 -35.56
N SER C 125 4.81 3.89 -34.83
CA SER C 125 6.18 4.32 -34.59
C SER C 125 6.97 3.30 -33.80
N LEU C 126 6.30 2.40 -33.09
CA LEU C 126 6.99 1.40 -32.29
C LEU C 126 7.32 0.14 -33.07
N VAL C 127 6.91 0.03 -34.33
CA VAL C 127 7.10 -1.18 -35.10
C VAL C 127 7.67 -0.81 -36.46
N ASN C 128 8.03 -1.83 -37.23
CA ASN C 128 8.45 -1.59 -38.60
C ASN C 128 7.26 -1.10 -39.42
N GLY C 129 7.40 0.09 -40.01
CA GLY C 129 6.26 0.69 -40.68
C GLY C 129 5.76 -0.11 -41.87
N ALA C 130 6.69 -0.65 -42.68
CA ALA C 130 6.29 -1.45 -43.82
C ALA C 130 5.50 -2.69 -43.40
N ASP C 131 5.87 -3.30 -42.27
CA ASP C 131 5.12 -4.45 -41.80
C ASP C 131 3.72 -4.06 -41.33
N ALA C 132 3.59 -2.90 -40.69
CA ALA C 132 2.26 -2.47 -40.29
C ALA C 132 1.41 -2.18 -41.52
N GLU C 133 1.99 -1.55 -42.53
CA GLU C 133 1.24 -1.28 -43.75
C GLU C 133 0.80 -2.58 -44.42
N LYS C 134 1.67 -3.58 -44.44
CA LYS C 134 1.32 -4.87 -45.02
C LYS C 134 0.21 -5.54 -44.24
N ALA C 135 0.27 -5.46 -42.91
CA ALA C 135 -0.78 -6.01 -42.07
C ALA C 135 -2.12 -5.36 -42.35
N TYR C 136 -2.15 -4.03 -42.50
CA TYR C 136 -3.40 -3.35 -42.74
C TYR C 136 -3.96 -3.69 -44.11
N GLU C 137 -3.11 -3.77 -45.14
CA GLU C 137 -3.60 -4.24 -46.42
C GLU C 137 -4.17 -5.65 -46.29
N GLY C 138 -3.54 -6.49 -45.47
CA GLY C 138 -4.10 -7.80 -45.23
C GLY C 138 -5.46 -7.74 -44.57
N PHE C 139 -5.60 -6.87 -43.56
CA PHE C 139 -6.90 -6.69 -42.92
C PHE C 139 -7.98 -6.26 -43.92
N LEU C 140 -7.64 -5.34 -44.82
CA LEU C 140 -8.65 -4.88 -45.77
C LEU C 140 -9.11 -6.00 -46.68
N ALA C 141 -8.21 -6.90 -47.08
CA ALA C 141 -8.63 -8.04 -47.90
C ALA C 141 -9.46 -9.02 -47.09
N PHE C 142 -9.08 -9.23 -45.82
CA PHE C 142 -9.77 -10.18 -44.97
C PHE C 142 -11.20 -9.74 -44.72
N LYS C 143 -11.41 -8.45 -44.42
CA LYS C 143 -12.75 -7.96 -44.10
C LYS C 143 -13.68 -8.07 -45.30
N ASP C 144 -13.15 -8.08 -46.53
CA ASP C 144 -13.99 -8.30 -47.69
C ASP C 144 -14.55 -9.72 -47.69
N VAL C 145 -13.73 -10.69 -47.28
CA VAL C 145 -14.20 -12.07 -47.20
C VAL C 145 -15.24 -12.21 -46.10
N VAL C 146 -14.95 -11.63 -44.93
CA VAL C 146 -15.92 -11.62 -43.83
C VAL C 146 -17.25 -11.05 -44.31
N LYS C 147 -17.20 -9.92 -45.02
CA LYS C 147 -18.45 -9.25 -45.40
C LYS C 147 -19.29 -10.13 -46.31
N LYS C 148 -18.66 -10.94 -47.16
CA LYS C 148 -19.40 -11.78 -48.10
C LYS C 148 -20.31 -12.76 -47.36
N SER C 149 -19.91 -13.19 -46.16
CA SER C 149 -20.59 -14.15 -45.32
C SER C 149 -21.50 -13.51 -44.27
N GLN C 150 -21.56 -12.18 -44.21
CA GLN C 150 -22.17 -11.49 -43.08
C GLN C 150 -23.69 -11.47 -43.17
N VAL C 151 -24.33 -11.78 -42.04
CA VAL C 151 -25.80 -11.75 -41.97
C VAL C 151 -26.31 -10.33 -42.21
N THR C 152 -27.56 -10.24 -42.62
CA THR C 152 -28.15 -8.92 -42.86
C THR C 152 -29.10 -8.49 -41.76
N SER C 153 -29.49 -9.39 -40.87
CA SER C 153 -30.35 -9.03 -39.76
C SER C 153 -29.85 -9.72 -38.50
N ALA C 154 -30.13 -9.09 -37.37
CA ALA C 154 -29.62 -9.61 -36.12
C ALA C 154 -30.51 -10.73 -35.61
N ALA C 155 -29.89 -11.73 -35.01
CA ALA C 155 -30.64 -12.79 -34.37
C ALA C 155 -31.39 -12.22 -33.17
N GLY C 156 -32.42 -12.94 -32.73
CA GLY C 156 -33.32 -12.48 -31.69
C GLY C 156 -32.71 -12.54 -30.31
N PRO C 157 -33.42 -11.96 -29.35
CA PRO C 157 -32.90 -11.86 -27.97
C PRO C 157 -32.99 -13.17 -27.19
N ALA C 158 -32.50 -13.10 -25.97
CA ALA C 158 -32.39 -14.28 -25.15
C ALA C 158 -33.70 -14.57 -24.42
N THR C 159 -33.81 -15.80 -23.92
CA THR C 159 -34.86 -16.13 -22.97
C THR C 159 -34.37 -15.89 -21.54
N VAL C 160 -35.29 -15.41 -20.69
CA VAL C 160 -34.95 -15.02 -19.33
C VAL C 160 -35.93 -15.65 -18.36
N PRO C 161 -35.48 -16.41 -17.38
CA PRO C 161 -36.38 -16.82 -16.29
C PRO C 161 -36.88 -15.58 -15.54
N SER C 162 -37.99 -15.77 -14.86
CA SER C 162 -38.48 -14.74 -13.94
C SER C 162 -38.89 -15.49 -12.70
N GLY C 163 -38.49 -14.99 -11.54
CA GLY C 163 -38.93 -15.58 -10.30
C GLY C 163 -38.25 -16.88 -9.95
N ASP C 164 -37.15 -17.22 -10.64
CA ASP C 164 -36.34 -18.35 -10.21
C ASP C 164 -35.63 -18.00 -8.90
N LYS C 165 -34.99 -19.01 -8.30
CA LYS C 165 -34.35 -18.75 -7.01
C LYS C 165 -33.27 -17.69 -7.10
N ILE C 166 -32.47 -17.71 -8.16
CA ILE C 166 -31.43 -16.69 -8.31
C ILE C 166 -32.05 -15.31 -8.46
N GLY C 167 -33.11 -15.18 -9.26
CA GLY C 167 -33.73 -13.87 -9.42
C GLY C 167 -34.27 -13.30 -8.13
N VAL C 168 -34.94 -14.14 -7.34
CA VAL C 168 -35.45 -13.69 -6.06
C VAL C 168 -34.30 -13.28 -5.16
N ALA C 169 -33.25 -14.09 -5.11
CA ALA C 169 -32.11 -13.75 -4.27
C ALA C 169 -31.41 -12.49 -4.75
N ALA C 170 -31.39 -12.26 -6.05
CA ALA C 170 -30.76 -11.04 -6.58
C ALA C 170 -31.51 -9.79 -6.16
N GLN C 171 -32.82 -9.87 -6.00
N GLN C 171 -32.81 -9.88 -5.96
CA GLN C 171 -33.56 -8.71 -5.49
CA GLN C 171 -33.52 -8.69 -5.51
C GLN C 171 -33.01 -8.32 -4.12
C GLN C 171 -33.11 -8.31 -4.09
N GLN C 172 -32.86 -9.31 -3.24
CA GLN C 172 -32.37 -9.03 -1.89
C GLN C 172 -30.94 -8.50 -1.92
N LEU C 173 -30.07 -9.13 -2.71
CA LEU C 173 -28.70 -8.64 -2.83
C LEU C 173 -28.69 -7.19 -3.28
N SER C 174 -29.50 -6.88 -4.28
CA SER C 174 -29.48 -5.57 -4.89
C SER C 174 -30.02 -4.51 -3.94
N GLU C 175 -31.11 -4.80 -3.22
CA GLU C 175 -31.60 -3.86 -2.23
C GLU C 175 -30.54 -3.55 -1.18
N ALA C 176 -29.82 -4.57 -0.72
CA ALA C 176 -28.84 -4.40 0.34
C ALA C 176 -27.62 -3.63 -0.14
N SER C 177 -27.28 -3.74 -1.43
CA SER C 177 -26.00 -3.27 -1.94
C SER C 177 -26.11 -2.03 -2.82
N TYR C 178 -27.32 -1.57 -3.15
CA TYR C 178 -27.45 -0.37 -3.98
C TYR C 178 -26.85 0.85 -3.30
N PRO C 179 -26.95 1.04 -1.98
CA PRO C 179 -26.28 2.20 -1.39
C PRO C 179 -24.78 2.22 -1.65
N PHE C 180 -24.12 1.07 -1.52
CA PHE C 180 -22.71 0.93 -1.88
C PHE C 180 -22.49 1.25 -3.35
N LEU C 181 -23.31 0.67 -4.24
CA LEU C 181 -23.14 0.92 -5.67
C LEU C 181 -23.15 2.40 -5.98
N LYS C 182 -24.08 3.13 -5.35
CA LYS C 182 -24.20 4.56 -5.59
C LYS C 182 -23.00 5.36 -5.09
N GLU C 183 -22.28 4.85 -4.11
N GLU C 183 -22.30 4.84 -4.07
CA GLU C 183 -21.16 5.58 -3.52
CA GLU C 183 -21.15 5.52 -3.47
C GLU C 183 -19.84 5.37 -4.23
C GLU C 183 -19.92 5.47 -4.38
N ILE C 184 -19.77 4.39 -5.14
CA ILE C 184 -18.55 4.16 -5.91
C ILE C 184 -18.41 5.23 -6.97
N ASP C 185 -17.18 5.67 -7.19
CA ASP C 185 -16.89 6.69 -8.22
C ASP C 185 -16.68 5.97 -9.54
N TRP C 186 -17.75 5.84 -10.33
CA TRP C 186 -17.72 5.10 -11.58
C TRP C 186 -16.93 5.83 -12.66
N LEU C 187 -16.63 7.11 -12.45
CA LEU C 187 -15.96 7.94 -13.43
C LEU C 187 -14.46 8.09 -13.12
N SER C 188 -13.95 7.33 -12.16
CA SER C 188 -12.57 7.44 -11.77
C SER C 188 -11.63 6.74 -12.75
N ASP C 189 -10.38 7.19 -12.76
CA ASP C 189 -9.31 6.54 -13.50
C ASP C 189 -8.62 5.43 -12.71
N VAL C 190 -9.05 5.17 -11.46
CA VAL C 190 -8.33 4.24 -10.60
C VAL C 190 -8.36 2.83 -11.16
N TYR C 191 -9.40 2.47 -11.92
CA TYR C 191 -9.58 1.10 -12.37
C TYR C 191 -8.56 0.75 -13.43
N MET C 192 -7.88 1.75 -13.99
CA MET C 192 -6.81 1.57 -14.94
C MET C 192 -5.42 1.76 -14.31
N LYS C 193 -5.32 1.79 -12.98
CA LYS C 193 -4.01 1.77 -12.36
C LYS C 193 -3.55 0.32 -12.25
N PRO C 194 -2.29 0.06 -12.55
CA PRO C 194 -1.84 -1.32 -12.66
C PRO C 194 -1.75 -2.05 -11.34
N LEU C 195 -1.70 -3.37 -11.48
CA LEU C 195 -1.61 -4.27 -10.33
C LEU C 195 -0.17 -4.32 -9.84
N PRO C 196 0.11 -3.91 -8.62
CA PRO C 196 1.52 -3.84 -8.21
C PRO C 196 2.20 -5.18 -8.25
N GLY C 197 3.40 -5.20 -8.83
CA GLY C 197 4.22 -6.38 -8.82
C GLY C 197 3.80 -7.47 -9.79
N VAL C 198 2.87 -7.20 -10.71
CA VAL C 198 2.32 -8.24 -11.58
C VAL C 198 2.70 -7.94 -13.03
N SER C 199 3.39 -8.87 -13.67
CA SER C 199 3.74 -8.64 -15.07
C SER C 199 2.54 -8.85 -15.99
N ALA C 200 2.64 -8.34 -17.22
CA ALA C 200 1.59 -8.57 -18.20
C ALA C 200 1.34 -10.06 -18.40
N GLN C 201 2.41 -10.87 -18.45
CA GLN C 201 2.22 -12.30 -18.64
C GLN C 201 1.52 -12.94 -17.44
N GLN C 202 1.79 -12.47 -16.22
CA GLN C 202 1.06 -12.98 -15.06
C GLN C 202 -0.40 -12.56 -15.10
N SER C 203 -0.68 -11.31 -15.46
N SER C 203 -0.69 -11.32 -15.48
CA SER C 203 -2.07 -10.89 -15.60
CA SER C 203 -2.09 -10.91 -15.56
C SER C 203 -2.77 -11.71 -16.65
C SER C 203 -2.82 -11.57 -16.73
N LEU C 204 -2.09 -11.97 -17.78
CA LEU C 204 -2.69 -12.74 -18.86
C LEU C 204 -3.11 -14.12 -18.40
N LYS C 205 -2.31 -14.76 -17.55
CA LYS C 205 -2.68 -16.07 -17.05
C LYS C 205 -3.94 -16.02 -16.17
N ALA C 206 -4.18 -14.90 -15.49
CA ALA C 206 -5.43 -14.75 -14.73
C ALA C 206 -6.62 -14.49 -15.65
N ILE C 207 -6.44 -13.61 -16.63
CA ILE C 207 -7.47 -13.35 -17.63
C ILE C 207 -7.86 -14.66 -18.33
N ASP C 208 -6.87 -15.51 -18.58
CA ASP C 208 -7.12 -16.79 -19.22
C ASP C 208 -8.22 -17.57 -18.50
N LYS C 209 -8.23 -17.56 -17.17
CA LYS C 209 -9.25 -18.31 -16.46
C LYS C 209 -10.65 -17.75 -16.72
N MET C 210 -10.78 -16.43 -16.88
CA MET C 210 -12.07 -15.85 -17.21
C MET C 210 -12.47 -16.17 -18.65
N ILE C 211 -11.51 -16.17 -19.57
CA ILE C 211 -11.80 -16.58 -20.95
C ILE C 211 -12.30 -18.02 -20.99
N VAL C 212 -11.62 -18.91 -20.26
CA VAL C 212 -12.04 -20.32 -20.14
C VAL C 212 -13.46 -20.39 -19.58
N MET C 213 -13.73 -19.62 -18.53
CA MET C 213 -15.07 -19.62 -17.95
C MET C 213 -16.11 -19.16 -18.96
N GLY C 214 -15.82 -18.10 -19.71
CA GLY C 214 -16.75 -17.65 -20.75
C GLY C 214 -17.01 -18.71 -21.79
N ALA C 215 -15.97 -19.46 -22.18
CA ALA C 215 -16.16 -20.54 -23.15
C ALA C 215 -17.05 -21.65 -22.60
N GLN C 216 -17.04 -21.88 -21.30
N GLN C 216 -17.04 -21.87 -21.30
CA GLN C 216 -17.87 -22.93 -20.74
CA GLN C 216 -17.86 -22.94 -20.74
C GLN C 216 -19.30 -22.47 -20.51
C GLN C 216 -19.26 -22.50 -20.38
N ALA C 217 -19.50 -21.19 -20.24
CA ALA C 217 -20.78 -20.72 -19.78
C ALA C 217 -21.86 -20.94 -20.82
N ASP C 218 -23.09 -20.97 -20.34
CA ASP C 218 -24.22 -21.12 -21.23
CA ASP C 218 -24.25 -21.11 -21.21
C ASP C 218 -24.40 -19.88 -22.10
N GLY C 219 -24.48 -20.10 -23.41
CA GLY C 219 -24.53 -18.98 -24.34
C GLY C 219 -25.77 -18.12 -24.20
N ASN C 220 -26.92 -18.73 -23.91
CA ASN C 220 -28.14 -17.94 -23.69
C ASN C 220 -28.02 -17.10 -22.43
N ALA C 221 -27.46 -17.68 -21.37
CA ALA C 221 -27.29 -16.92 -20.13
C ALA C 221 -26.34 -15.75 -20.35
N LEU C 222 -25.24 -15.98 -21.09
N LEU C 222 -25.29 -15.95 -21.13
CA LEU C 222 -24.33 -14.88 -21.40
CA LEU C 222 -24.35 -14.88 -21.38
C LEU C 222 -25.06 -13.79 -22.17
C LEU C 222 -24.99 -13.79 -22.24
N LYS C 223 -25.78 -14.19 -23.22
CA LYS C 223 -26.52 -13.25 -24.05
CA LYS C 223 -26.51 -13.24 -24.05
C LYS C 223 -27.47 -12.41 -23.19
N ALA C 224 -28.22 -13.06 -22.31
CA ALA C 224 -29.15 -12.35 -21.44
C ALA C 224 -28.42 -11.39 -20.52
N ALA C 225 -27.24 -11.79 -20.03
CA ALA C 225 -26.47 -10.91 -19.15
C ALA C 225 -25.96 -9.69 -19.91
N ALA C 226 -25.56 -9.88 -21.17
CA ALA C 226 -25.17 -8.73 -21.99
C ALA C 226 -26.35 -7.78 -22.18
N GLU C 227 -27.53 -8.35 -22.52
CA GLU C 227 -28.72 -7.53 -22.70
C GLU C 227 -29.07 -6.73 -21.44
N ALA C 228 -28.91 -7.35 -20.27
CA ALA C 228 -29.19 -6.65 -19.02
C ALA C 228 -28.24 -5.46 -18.82
N HIS C 229 -26.98 -5.60 -19.21
CA HIS C 229 -26.05 -4.48 -19.10
C HIS C 229 -26.38 -3.37 -20.08
N HIS C 230 -26.82 -3.71 -21.29
CA HIS C 230 -27.26 -2.70 -22.24
C HIS C 230 -28.42 -1.89 -21.67
N LYS C 231 -29.41 -2.58 -21.08
CA LYS C 231 -30.52 -1.85 -20.47
C LYS C 231 -30.03 -0.98 -19.33
N ALA C 232 -29.12 -1.50 -18.51
CA ALA C 232 -28.62 -0.75 -17.37
C ALA C 232 -27.89 0.51 -17.78
N ILE C 233 -27.13 0.46 -18.87
CA ILE C 233 -26.47 1.66 -19.37
C ILE C 233 -27.51 2.72 -19.72
N GLY C 234 -28.67 2.30 -20.23
CA GLY C 234 -29.69 3.25 -20.62
C GLY C 234 -30.22 4.11 -19.47
N SER C 235 -30.20 3.60 -18.24
CA SER C 235 -30.83 4.29 -17.13
C SER C 235 -29.85 5.03 -16.23
N ILE C 236 -28.57 5.14 -16.62
CA ILE C 236 -27.60 5.79 -15.75
C ILE C 236 -27.96 7.24 -15.47
N ASP C 237 -27.63 7.67 -14.26
CA ASP C 237 -27.71 9.08 -13.89
C ASP C 237 -26.46 9.81 -14.36
N ALA C 238 -26.36 11.08 -13.97
CA ALA C 238 -25.27 11.93 -14.41
C ALA C 238 -23.91 11.47 -13.88
N THR C 239 -23.88 10.67 -12.81
CA THR C 239 -22.64 10.12 -12.26
C THR C 239 -22.37 8.71 -12.75
N GLY C 240 -23.19 8.18 -13.65
CA GLY C 240 -22.96 6.87 -14.21
C GLY C 240 -23.67 5.74 -13.50
N VAL C 241 -24.45 6.00 -12.45
CA VAL C 241 -25.06 4.94 -11.66
C VAL C 241 -26.39 4.56 -12.29
N THR C 242 -26.56 3.27 -12.59
CA THR C 242 -27.78 2.72 -13.15
C THR C 242 -28.88 2.71 -12.10
N SER C 243 -30.12 2.46 -12.54
CA SER C 243 -31.25 2.39 -11.62
C SER C 243 -31.17 1.11 -10.78
N ALA C 244 -31.88 1.14 -9.65
CA ALA C 244 -31.92 -0.03 -8.77
C ALA C 244 -32.54 -1.23 -9.47
N ALA C 245 -33.58 -1.01 -10.28
CA ALA C 245 -34.22 -2.12 -10.95
C ALA C 245 -33.28 -2.75 -11.99
N ASP C 246 -32.58 -1.92 -12.75
CA ASP C 246 -31.66 -2.47 -13.75
C ASP C 246 -30.47 -3.14 -13.11
N TYR C 247 -30.00 -2.60 -11.97
CA TYR C 247 -28.97 -3.26 -11.19
C TYR C 247 -29.41 -4.66 -10.75
N ALA C 248 -30.64 -4.79 -10.24
CA ALA C 248 -31.10 -6.10 -9.82
C ALA C 248 -31.13 -7.09 -10.98
N ALA C 249 -31.55 -6.61 -12.16
CA ALA C 249 -31.58 -7.49 -13.33
C ALA C 249 -30.17 -7.94 -13.73
N VAL C 250 -29.18 -7.05 -13.62
CA VAL C 250 -27.79 -7.43 -13.87
C VAL C 250 -27.34 -8.50 -12.89
N ASN C 251 -27.63 -8.30 -11.60
CA ASN C 251 -27.19 -9.28 -10.61
C ASN C 251 -27.83 -10.64 -10.85
N ALA C 252 -29.12 -10.67 -11.17
CA ALA C 252 -29.76 -11.95 -11.46
C ALA C 252 -29.13 -12.60 -12.68
N ALA C 253 -28.93 -11.83 -13.74
CA ALA C 253 -28.36 -12.39 -14.95
C ALA C 253 -26.96 -12.92 -14.72
N LEU C 254 -26.14 -12.19 -13.96
CA LEU C 254 -24.79 -12.67 -13.68
C LEU C 254 -24.81 -13.91 -12.80
N GLY C 255 -25.72 -13.97 -11.82
CA GLY C 255 -25.85 -15.19 -11.03
C GLY C 255 -26.16 -16.41 -11.88
N ARG C 256 -27.01 -16.23 -12.90
CA ARG C 256 -27.32 -17.34 -13.79
C ARG C 256 -26.10 -17.74 -14.62
N VAL C 257 -25.27 -16.77 -15.04
CA VAL C 257 -24.02 -17.11 -15.72
C VAL C 257 -23.12 -17.95 -14.81
N ILE C 258 -22.94 -17.50 -13.56
CA ILE C 258 -22.10 -18.23 -12.61
C ILE C 258 -22.58 -19.66 -12.45
N ALA C 259 -23.90 -19.84 -12.31
CA ALA C 259 -24.46 -21.17 -12.09
C ALA C 259 -24.45 -22.05 -13.34
N SER C 260 -24.03 -21.51 -14.49
CA SER C 260 -23.97 -22.26 -15.75
C SER C 260 -22.62 -22.90 -15.99
N VAL C 261 -21.69 -22.75 -15.06
CA VAL C 261 -20.42 -23.47 -15.10
C VAL C 261 -20.24 -24.12 -13.73
N PRO C 262 -19.44 -25.17 -13.63
CA PRO C 262 -19.23 -25.81 -12.33
C PRO C 262 -18.43 -24.93 -11.38
N LYS C 263 -18.56 -25.26 -10.10
CA LYS C 263 -17.85 -24.54 -9.06
CA LYS C 263 -17.84 -24.54 -9.05
C LYS C 263 -16.35 -24.41 -9.35
N SER C 264 -15.72 -25.48 -9.82
CA SER C 264 -14.27 -25.44 -10.04
C SER C 264 -13.86 -24.41 -11.08
N THR C 265 -14.68 -24.20 -12.10
CA THR C 265 -14.38 -23.18 -13.10
C THR C 265 -14.39 -21.78 -12.50
N VAL C 266 -15.34 -21.52 -11.60
CA VAL C 266 -15.41 -20.21 -10.96
C VAL C 266 -14.27 -20.05 -9.97
N MET C 267 -13.96 -21.09 -9.18
CA MET C 267 -12.87 -20.98 -8.23
C MET C 267 -11.53 -20.83 -8.93
N ASP C 268 -11.37 -21.38 -10.14
CA ASP C 268 -10.13 -21.12 -10.86
C ASP C 268 -9.97 -19.63 -11.16
N VAL C 269 -11.06 -18.95 -11.50
CA VAL C 269 -11.02 -17.50 -11.68
C VAL C 269 -10.63 -16.82 -10.38
N TYR C 270 -11.35 -17.14 -9.31
CA TYR C 270 -11.09 -16.48 -8.03
C TYR C 270 -9.65 -16.67 -7.60
N ASN C 271 -9.16 -17.91 -7.63
CA ASN C 271 -7.80 -18.17 -7.16
C ASN C 271 -6.76 -17.46 -8.01
N ALA C 272 -6.98 -17.39 -9.33
CA ALA C 272 -6.03 -16.69 -10.17
C ALA C 272 -6.05 -15.19 -9.88
N MET C 273 -7.24 -14.62 -9.70
CA MET C 273 -7.34 -13.21 -9.36
C MET C 273 -6.73 -12.93 -7.99
N ALA C 274 -6.90 -13.84 -7.03
CA ALA C 274 -6.29 -13.63 -5.72
C ALA C 274 -4.79 -13.56 -5.84
N GLY C 275 -4.21 -14.30 -6.78
CA GLY C 275 -2.77 -14.30 -6.98
C GLY C 275 -2.21 -13.03 -7.59
N VAL C 276 -3.06 -12.20 -8.21
CA VAL C 276 -2.60 -10.95 -8.84
C VAL C 276 -3.12 -9.71 -8.18
N THR C 277 -3.97 -9.81 -7.16
CA THR C 277 -4.61 -8.63 -6.57
C THR C 277 -3.96 -8.28 -5.23
N ASP C 278 -3.19 -7.21 -5.21
CA ASP C 278 -2.57 -6.72 -3.98
C ASP C 278 -3.66 -6.52 -2.95
N THR C 279 -3.36 -6.88 -1.70
CA THR C 279 -4.39 -6.76 -0.66
C THR C 279 -4.73 -5.32 -0.31
N SER C 280 -3.93 -4.35 -0.75
CA SER C 280 -4.32 -2.98 -0.53
C SER C 280 -5.34 -2.46 -1.53
N ILE C 281 -5.59 -3.17 -2.63
CA ILE C 281 -6.58 -2.74 -3.59
C ILE C 281 -7.99 -2.80 -2.99
N PRO C 282 -8.43 -3.91 -2.41
CA PRO C 282 -9.75 -3.87 -1.74
C PRO C 282 -9.79 -2.79 -0.68
N LEU C 283 -8.73 -2.62 0.11
CA LEU C 283 -8.73 -1.61 1.15
C LEU C 283 -8.89 -0.23 0.55
N ASN C 284 -8.16 0.04 -0.53
CA ASN C 284 -8.29 1.35 -1.15
C ASN C 284 -9.71 1.60 -1.63
N MET C 285 -10.33 0.60 -2.24
CA MET C 285 -11.71 0.76 -2.68
C MET C 285 -12.66 0.96 -1.50
N PHE C 286 -12.53 0.13 -0.48
CA PHE C 286 -13.36 0.24 0.72
C PHE C 286 -13.23 1.63 1.35
N SER C 287 -12.02 2.19 1.35
CA SER C 287 -11.78 3.45 2.04
C SER C 287 -12.48 4.62 1.38
N LYS C 288 -12.94 4.47 0.15
CA LYS C 288 -13.57 5.55 -0.58
C LYS C 288 -15.08 5.57 -0.45
N VAL C 289 -15.67 4.61 0.27
CA VAL C 289 -17.10 4.53 0.41
C VAL C 289 -17.47 4.45 1.89
N ASN C 290 -18.77 4.50 2.17
CA ASN C 290 -19.27 4.33 3.54
C ASN C 290 -19.02 2.92 4.01
N PRO C 291 -18.32 2.72 5.14
CA PRO C 291 -17.91 1.36 5.51
C PRO C 291 -19.07 0.47 5.94
N LEU C 292 -20.15 1.08 6.43
CA LEU C 292 -21.34 0.31 6.76
C LEU C 292 -22.03 -0.19 5.51
N ASP C 293 -22.12 0.66 4.48
CA ASP C 293 -22.76 0.23 3.23
C ASP C 293 -21.94 -0.83 2.54
N ALA C 294 -20.60 -0.76 2.64
CA ALA C 294 -19.77 -1.80 2.04
C ALA C 294 -19.95 -3.13 2.77
N ASN C 295 -19.93 -3.10 4.11
CA ASN C 295 -20.18 -4.35 4.84
C ASN C 295 -21.59 -4.88 4.62
N ALA C 296 -22.58 -4.00 4.45
CA ALA C 296 -23.93 -4.50 4.14
C ALA C 296 -23.95 -5.20 2.79
N ALA C 297 -23.25 -4.62 1.82
CA ALA C 297 -23.20 -5.22 0.49
C ALA C 297 -22.47 -6.55 0.54
N ALA C 298 -21.35 -6.61 1.24
CA ALA C 298 -20.57 -7.85 1.30
C ALA C 298 -21.35 -8.96 2.00
N LYS C 299 -21.96 -8.65 3.14
CA LYS C 299 -22.75 -9.67 3.82
C LYS C 299 -23.85 -10.19 2.89
N ALA C 300 -24.50 -9.28 2.18
CA ALA C 300 -25.53 -9.70 1.24
C ALA C 300 -24.96 -10.55 0.10
N PHE C 301 -23.77 -10.21 -0.38
CA PHE C 301 -23.12 -11.03 -1.42
C PHE C 301 -22.87 -12.45 -0.93
N TYR C 302 -22.32 -12.59 0.28
CA TYR C 302 -22.02 -13.93 0.75
C TYR C 302 -23.29 -14.75 1.02
N THR C 303 -24.42 -14.09 1.30
CA THR C 303 -25.71 -14.78 1.34
C THR C 303 -26.18 -15.17 -0.06
N PHE C 304 -26.11 -14.23 -1.01
CA PHE C 304 -26.53 -14.49 -2.39
C PHE C 304 -25.76 -15.65 -2.99
N LYS C 305 -24.44 -15.71 -2.77
CA LYS C 305 -23.66 -16.74 -3.45
CA LYS C 305 -23.66 -16.74 -3.45
C LYS C 305 -24.07 -18.13 -2.98
N ASP C 306 -24.69 -18.25 -1.81
CA ASP C 306 -25.17 -19.57 -1.41
C ASP C 306 -26.34 -20.04 -2.28
N VAL C 307 -27.20 -19.12 -2.73
CA VAL C 307 -28.28 -19.47 -3.63
C VAL C 307 -27.72 -19.84 -5.00
N VAL C 308 -26.75 -19.06 -5.48
CA VAL C 308 -26.07 -19.41 -6.73
C VAL C 308 -25.39 -20.77 -6.63
N GLN C 309 -24.72 -21.01 -5.50
CA GLN C 309 -24.02 -22.27 -5.31
C GLN C 309 -24.97 -23.46 -5.39
N ALA C 310 -26.14 -23.33 -4.76
CA ALA C 310 -27.11 -24.42 -4.78
C ALA C 310 -27.59 -24.67 -6.21
N ALA C 311 -27.86 -23.60 -6.96
CA ALA C 311 -28.31 -23.78 -8.35
C ALA C 311 -27.22 -24.40 -9.22
N GLN C 312 -25.97 -23.97 -9.02
CA GLN C 312 -24.83 -24.46 -9.76
C GLN C 312 -24.58 -25.94 -9.53
#